data_6OC6
#
_entry.id   6OC6
#
_cell.length_a   101.272
_cell.length_b   101.941
_cell.length_c   103.691
_cell.angle_alpha   90.000
_cell.angle_beta   90.000
_cell.angle_gamma   90.000
#
_symmetry.space_group_name_H-M   'P 21 21 2'
#
loop_
_entity.id
_entity.type
_entity.pdbx_description
1 polymer 'Lanthanide-dependent methanol dehydrogenase XoxF'
2 non-polymer 'LANTHANUM (III) ION'
3 non-polymer 'PYRROLOQUINOLINE QUINONE'
4 water water
#
_entity_poly.entity_id   1
_entity_poly.type   'polypeptide(L)'
_entity_poly.pdbx_seq_one_letter_code
;MRAVHLLALGAGLAAASPALANESVLKGVANPAEQVLQTVDYANTRYSKLDQINASNVKNLQVAWTFSTGVLRGHEGSPL
VVGNIMYVHTPFPNIVYALDLDQGAKIVWKYEPKQDPSVIPVMCCDTVNRGLAYADGAILLHQADTTLVSLDAKSGKVNW
SVKNGDPSKGETNTATVLPVKDKVIVGISGGEFGVQCHVTAYDLKSGKKVWRGYSIGPDDQLIVDPEKTTSLGKPIGKDS
SLKTWEGDQWKTGGGCTWGWFSYDPKLDLMYYGSGNPSTWNPKQRPGDNKWSMTIWARNPDTGMAKWVYQMTPHDEWDFD
GINEMILTDQKFDGKDRPLLTHFDRNGFGYTLDRATGEVLVAEKFDPVVNWATKVDLDKGSKTYGRPLVVSKYSTEQNGE
DVNSKGICPAALGTKDQQPAAFSPKTGLFYVPTNHVCMDYEPFRVTYTPGQPYVGATLSMYPAPGSHGGMGNFIAWDNLQ
GKIKWSNPEQFSAWGGALATAGDVVFYGTLEGFLKAVDSKTGKELYKFKTPSGIIGNVMTYEHKGKQHVAVLSGVGGWAG
IGLAAGLTDPNAGLGAVGGYAALSSYTNLGGQLTVFSLPNN
;
_entity_poly.pdbx_strand_id   A,B
#
loop_
_chem_comp.id
_chem_comp.type
_chem_comp.name
_chem_comp.formula
LA non-polymer 'LANTHANUM (III) ION' 'La 3'
PQQ non-polymer 'PYRROLOQUINOLINE QUINONE' 'C14 H6 N2 O8'
#
# COMPACT_ATOMS: atom_id res chain seq x y z
N ASN A 22 -13.98 24.87 -19.44
CA ASN A 22 -13.06 25.35 -20.48
C ASN A 22 -13.31 24.62 -21.80
N GLU A 23 -12.98 25.29 -22.91
CA GLU A 23 -13.01 24.61 -24.20
C GLU A 23 -11.99 23.49 -24.24
N SER A 24 -10.91 23.61 -23.46
CA SER A 24 -9.96 22.50 -23.32
C SER A 24 -10.59 21.30 -22.64
N VAL A 25 -11.69 21.50 -21.91
CA VAL A 25 -12.36 20.39 -21.26
C VAL A 25 -13.32 19.70 -22.22
N LEU A 26 -14.08 20.48 -23.00
CA LEU A 26 -15.01 19.89 -23.96
C LEU A 26 -14.28 19.17 -25.08
N LYS A 27 -13.03 19.55 -25.36
CA LYS A 27 -12.23 18.79 -26.31
C LYS A 27 -11.75 17.47 -25.71
N GLY A 28 -11.66 17.39 -24.39
CA GLY A 28 -11.22 16.18 -23.73
C GLY A 28 -12.37 15.21 -23.52
N VAL A 29 -13.56 15.75 -23.24
CA VAL A 29 -14.74 14.89 -23.15
C VAL A 29 -15.05 14.26 -24.49
N ALA A 30 -14.83 15.01 -25.58
CA ALA A 30 -15.06 14.46 -26.91
C ALA A 30 -14.05 13.39 -27.28
N ASN A 31 -12.93 13.29 -26.56
CA ASN A 31 -11.95 12.24 -26.81
C ASN A 31 -12.19 11.09 -25.84
N PRO A 32 -12.78 9.98 -26.27
CA PRO A 32 -13.09 8.89 -25.33
C PRO A 32 -11.84 8.19 -24.79
N ALA A 33 -10.68 8.43 -25.40
CA ALA A 33 -9.42 7.86 -24.94
C ALA A 33 -8.85 8.55 -23.71
N GLU A 34 -9.53 9.56 -23.19
CA GLU A 34 -9.02 10.37 -22.08
C GLU A 34 -10.03 10.40 -20.96
N GLN A 35 -9.64 11.07 -19.87
CA GLN A 35 -10.53 11.33 -18.74
C GLN A 35 -10.03 12.64 -18.10
N VAL A 36 -10.61 13.76 -18.56
CA VAL A 36 -10.19 15.08 -18.09
C VAL A 36 -10.98 15.55 -16.89
N LEU A 37 -12.02 14.83 -16.48
CA LEU A 37 -12.81 15.17 -15.31
C LEU A 37 -13.00 13.92 -14.45
N GLN A 38 -13.16 14.15 -13.14
CA GLN A 38 -13.54 13.05 -12.26
C GLN A 38 -14.91 12.48 -12.60
N THR A 39 -15.74 13.25 -13.30
CA THR A 39 -17.12 12.91 -13.61
C THR A 39 -17.29 12.33 -15.02
N VAL A 40 -16.18 11.97 -15.68
CA VAL A 40 -16.14 11.55 -17.08
C VAL A 40 -16.56 12.70 -18.01
N ASP A 41 -17.82 13.09 -17.97
CA ASP A 41 -18.31 14.19 -18.79
C ASP A 41 -18.92 15.27 -17.89
N TYR A 42 -19.19 16.43 -18.51
CA TYR A 42 -19.83 17.51 -17.77
C TYR A 42 -21.17 17.09 -17.18
N ALA A 43 -21.90 16.22 -17.86
CA ALA A 43 -23.22 15.79 -17.42
C ALA A 43 -23.18 14.78 -16.28
N ASN A 44 -21.98 14.38 -15.83
CA ASN A 44 -21.83 13.46 -14.69
C ASN A 44 -22.47 12.10 -14.96
N THR A 45 -22.51 11.67 -16.22
CA THR A 45 -23.16 10.40 -16.56
C THR A 45 -22.27 9.20 -16.26
N ARG A 46 -20.95 9.40 -16.22
CA ARG A 46 -19.99 8.31 -15.98
C ARG A 46 -20.19 7.18 -17.00
N TYR A 47 -20.28 7.57 -18.27
CA TYR A 47 -20.49 6.64 -19.37
C TYR A 47 -19.41 6.89 -20.41
N SER A 48 -18.62 5.87 -20.71
CA SER A 48 -17.55 5.96 -21.71
C SER A 48 -18.00 5.32 -23.00
N LYS A 49 -17.66 5.96 -24.12
CA LYS A 49 -18.00 5.45 -25.45
C LYS A 49 -17.08 4.33 -25.91
N LEU A 50 -16.02 4.02 -25.16
CA LEU A 50 -15.13 2.93 -25.52
C LEU A 50 -15.86 1.59 -25.42
N ASP A 51 -15.69 0.75 -26.45
CA ASP A 51 -16.35 -0.54 -26.48
C ASP A 51 -15.40 -1.63 -26.97
N GLN A 52 -14.11 -1.50 -26.63
CA GLN A 52 -13.18 -2.60 -26.88
C GLN A 52 -13.36 -3.69 -25.85
N ILE A 53 -13.49 -3.30 -24.58
CA ILE A 53 -13.89 -4.22 -23.52
C ILE A 53 -15.42 -4.19 -23.48
N ASN A 54 -16.05 -5.26 -23.97
CA ASN A 54 -17.49 -5.37 -24.00
C ASN A 54 -17.92 -6.60 -23.20
N ALA A 55 -19.23 -6.87 -23.22
CA ALA A 55 -19.79 -7.95 -22.42
C ALA A 55 -19.37 -9.33 -22.90
N SER A 56 -18.86 -9.45 -24.13
CA SER A 56 -18.52 -10.76 -24.67
C SER A 56 -17.08 -11.17 -24.42
N ASN A 57 -16.20 -10.23 -24.06
CA ASN A 57 -14.80 -10.55 -23.81
C ASN A 57 -14.29 -10.06 -22.46
N VAL A 58 -15.13 -9.41 -21.65
CA VAL A 58 -14.66 -8.86 -20.38
C VAL A 58 -14.31 -9.98 -19.40
N LYS A 59 -14.77 -11.21 -19.64
CA LYS A 59 -14.32 -12.34 -18.83
C LYS A 59 -12.82 -12.58 -19.01
N ASN A 60 -12.27 -12.23 -20.17
CA ASN A 60 -10.85 -12.40 -20.44
C ASN A 60 -10.02 -11.23 -19.93
N LEU A 61 -10.61 -10.34 -19.14
CA LEU A 61 -9.90 -9.17 -18.67
C LEU A 61 -8.77 -9.57 -17.72
N GLN A 62 -7.59 -9.01 -17.94
CA GLN A 62 -6.43 -9.30 -17.13
C GLN A 62 -5.78 -8.00 -16.68
N VAL A 63 -4.98 -8.10 -15.63
CA VAL A 63 -4.29 -6.94 -15.09
C VAL A 63 -3.10 -6.62 -15.97
N ALA A 64 -3.01 -5.37 -16.41
CA ALA A 64 -1.89 -4.93 -17.24
C ALA A 64 -0.69 -4.50 -16.41
N TRP A 65 -0.90 -3.59 -15.45
CA TRP A 65 0.16 -3.16 -14.56
C TRP A 65 -0.46 -2.50 -13.34
N THR A 66 0.37 -2.33 -12.30
CA THR A 66 -0.08 -1.77 -11.04
C THR A 66 0.91 -0.70 -10.58
N PHE A 67 0.44 0.14 -9.66
CA PHE A 67 1.21 1.28 -9.17
C PHE A 67 0.73 1.63 -7.77
N SER A 68 1.67 1.68 -6.82
CA SER A 68 1.36 2.02 -5.45
C SER A 68 1.66 3.49 -5.20
N THR A 69 0.82 4.13 -4.39
CA THR A 69 0.90 5.56 -4.18
C THR A 69 1.72 5.95 -2.96
N GLY A 70 2.11 5.00 -2.12
CA GLY A 70 2.85 5.30 -0.92
C GLY A 70 2.04 5.88 0.21
N VAL A 71 0.73 6.10 0.00
CA VAL A 71 -0.13 6.72 1.00
C VAL A 71 -1.18 5.70 1.42
N LEU A 72 -1.48 5.69 2.72
CA LEU A 72 -2.49 4.81 3.29
C LEU A 72 -3.82 5.56 3.38
N ARG A 73 -4.74 5.07 4.23
CA ARG A 73 -6.09 5.61 4.38
C ARG A 73 -6.88 5.49 3.09
N GLY A 74 -8.00 6.21 2.99
CA GLY A 74 -8.96 5.98 1.92
C GLY A 74 -8.58 6.64 0.62
N HIS A 75 -8.69 5.90 -0.48
CA HIS A 75 -8.38 6.39 -1.82
C HIS A 75 -9.68 6.48 -2.62
N GLU A 76 -10.20 7.70 -2.76
CA GLU A 76 -11.38 7.95 -3.58
C GLU A 76 -10.98 8.63 -4.87
N GLY A 77 -11.96 8.79 -5.76
CA GLY A 77 -11.72 9.41 -7.04
C GLY A 77 -11.22 8.42 -8.08
N SER A 78 -10.55 8.97 -9.08
CA SER A 78 -10.01 8.20 -10.19
C SER A 78 -8.83 8.98 -10.76
N PRO A 79 -7.84 8.29 -11.33
CA PRO A 79 -6.76 9.01 -12.00
C PRO A 79 -7.25 9.62 -13.31
N LEU A 80 -6.60 10.70 -13.71
CA LEU A 80 -6.87 11.34 -14.97
C LEU A 80 -5.81 10.94 -15.99
N VAL A 81 -6.20 10.88 -17.25
CA VAL A 81 -5.28 10.59 -18.34
C VAL A 81 -5.51 11.64 -19.40
N VAL A 82 -4.57 12.57 -19.52
CA VAL A 82 -4.59 13.61 -20.54
C VAL A 82 -3.46 13.32 -21.52
N GLY A 83 -3.82 13.06 -22.77
CA GLY A 83 -2.83 12.63 -23.73
C GLY A 83 -2.29 11.27 -23.33
N ASN A 84 -0.96 11.16 -23.27
CA ASN A 84 -0.29 9.94 -22.87
C ASN A 84 0.23 10.00 -21.43
N ILE A 85 -0.26 10.94 -20.63
CA ILE A 85 0.19 11.12 -19.25
C ILE A 85 -0.98 10.84 -18.33
N MET A 86 -0.74 10.01 -17.31
CA MET A 86 -1.74 9.70 -16.29
C MET A 86 -1.39 10.43 -15.00
N TYR A 87 -2.38 11.10 -14.41
CA TYR A 87 -2.21 11.86 -13.18
C TYR A 87 -2.96 11.14 -12.06
N VAL A 88 -2.24 10.79 -11.00
CA VAL A 88 -2.78 10.04 -9.87
C VAL A 88 -2.66 10.88 -8.61
N HIS A 89 -3.77 10.99 -7.88
CA HIS A 89 -3.84 11.72 -6.63
C HIS A 89 -3.95 10.74 -5.47
N THR A 90 -3.60 11.22 -4.28
CA THR A 90 -3.63 10.40 -3.07
C THR A 90 -4.49 11.10 -2.02
N PRO A 91 -4.87 10.42 -0.93
CA PRO A 91 -5.45 11.14 0.21
C PRO A 91 -4.42 12.03 0.88
N PHE A 92 -4.75 12.58 2.05
CA PHE A 92 -3.85 13.49 2.73
C PHE A 92 -2.44 12.89 2.84
N PRO A 93 -1.38 13.64 2.52
CA PRO A 93 -1.40 15.07 2.19
C PRO A 93 -1.66 15.42 0.72
N ASN A 94 -2.39 14.56 0.00
CA ASN A 94 -2.82 14.82 -1.38
C ASN A 94 -1.62 15.02 -2.30
N ILE A 95 -0.88 13.93 -2.49
CA ILE A 95 0.25 13.94 -3.41
C ILE A 95 -0.26 13.67 -4.81
N VAL A 96 0.34 14.34 -5.80
CA VAL A 96 -0.06 14.20 -7.19
C VAL A 96 1.11 13.61 -7.97
N TYR A 97 0.93 12.42 -8.50
CA TYR A 97 1.90 11.78 -9.37
C TYR A 97 1.54 12.02 -10.82
N ALA A 98 2.56 12.07 -11.67
CA ALA A 98 2.40 12.21 -13.11
C ALA A 98 3.14 11.05 -13.75
N LEU A 99 2.41 10.04 -14.21
CA LEU A 99 3.01 8.85 -14.79
C LEU A 99 3.07 8.95 -16.31
N ASP A 100 4.25 8.71 -16.87
CA ASP A 100 4.47 8.66 -18.31
C ASP A 100 4.03 7.30 -18.84
N LEU A 101 2.81 7.25 -19.39
CA LEU A 101 2.34 5.99 -19.95
C LEU A 101 3.18 5.56 -21.14
N ASP A 102 3.88 6.49 -21.79
CA ASP A 102 4.82 6.12 -22.83
C ASP A 102 6.06 5.46 -22.25
N GLN A 103 6.53 5.97 -21.11
CA GLN A 103 7.76 5.49 -20.48
C GLN A 103 7.52 4.42 -19.43
N GLY A 104 6.60 3.50 -19.67
CA GLY A 104 6.39 2.41 -18.73
C GLY A 104 5.88 2.84 -17.36
N ALA A 105 5.01 3.85 -17.33
CA ALA A 105 4.43 4.36 -16.08
C ALA A 105 5.50 4.91 -15.13
N LYS A 106 6.51 5.54 -15.71
CA LYS A 106 7.53 6.22 -14.91
C LYS A 106 6.97 7.51 -14.32
N ILE A 107 7.43 7.84 -13.12
CA ILE A 107 7.02 9.09 -12.46
C ILE A 107 7.82 10.23 -13.08
N VAL A 108 7.13 11.08 -13.86
CA VAL A 108 7.80 12.18 -14.54
C VAL A 108 7.94 13.38 -13.62
N TRP A 109 6.91 13.68 -12.83
CA TRP A 109 7.02 14.69 -11.79
C TRP A 109 6.04 14.36 -10.68
N LYS A 110 6.38 14.82 -9.47
CA LYS A 110 5.61 14.55 -8.27
C LYS A 110 5.38 15.87 -7.54
N TYR A 111 4.19 16.04 -6.97
CA TYR A 111 3.87 17.22 -6.17
C TYR A 111 3.46 16.75 -4.79
N GLU A 112 4.32 16.99 -3.81
CA GLU A 112 4.05 16.62 -2.42
C GLU A 112 3.79 17.89 -1.63
N PRO A 113 2.54 18.26 -1.38
CA PRO A 113 2.25 19.52 -0.70
C PRO A 113 2.49 19.42 0.80
N LYS A 114 2.93 20.54 1.38
CA LYS A 114 3.11 20.63 2.81
C LYS A 114 1.82 21.15 3.44
N GLN A 115 1.23 20.36 4.33
CA GLN A 115 -0.03 20.69 4.97
C GLN A 115 0.08 20.44 6.45
N ASP A 116 -0.73 21.17 7.21
CA ASP A 116 -0.70 21.04 8.66
C ASP A 116 -1.39 19.75 9.07
N PRO A 117 -0.71 18.85 9.78
CA PRO A 117 -1.39 17.63 10.26
C PRO A 117 -2.51 17.93 11.23
N SER A 118 -2.61 19.17 11.73
CA SER A 118 -3.77 19.60 12.49
C SER A 118 -5.07 19.51 11.70
N VAL A 119 -4.99 19.34 10.37
CA VAL A 119 -6.18 19.32 9.53
C VAL A 119 -6.89 17.97 9.53
N ILE A 120 -6.21 16.89 9.91
CA ILE A 120 -6.78 15.55 9.88
C ILE A 120 -7.90 15.43 10.92
N PRO A 121 -7.70 15.81 12.19
CA PRO A 121 -8.81 15.69 13.15
C PRO A 121 -9.99 16.59 12.84
N VAL A 122 -9.81 17.59 11.98
CA VAL A 122 -10.91 18.50 11.64
C VAL A 122 -11.63 18.01 10.40
N MET A 123 -11.44 16.74 10.05
CA MET A 123 -12.14 16.09 8.96
C MET A 123 -13.18 15.14 9.53
N CYS A 124 -14.44 15.29 9.08
CA CYS A 124 -15.51 14.39 9.51
C CYS A 124 -15.11 12.93 9.36
N CYS A 125 -14.73 12.52 8.15
CA CYS A 125 -14.81 11.12 7.75
C CYS A 125 -13.64 10.82 6.80
N ASP A 126 -12.48 10.53 7.39
CA ASP A 126 -11.25 10.14 6.71
C ASP A 126 -10.58 11.29 5.96
N THR A 127 -9.29 11.11 5.66
CA THR A 127 -8.44 12.10 5.02
C THR A 127 -8.59 12.09 3.50
N VAL A 128 -9.79 11.76 3.03
CA VAL A 128 -9.99 11.43 1.62
C VAL A 128 -9.90 12.67 0.74
N ASN A 129 -9.58 12.44 -0.54
CA ASN A 129 -9.62 13.45 -1.57
C ASN A 129 -10.17 12.83 -2.85
N ARG A 130 -11.09 13.52 -3.52
CA ARG A 130 -11.89 12.93 -4.58
C ARG A 130 -11.38 13.26 -5.99
N GLY A 131 -10.13 13.68 -6.12
CA GLY A 131 -9.48 13.70 -7.43
C GLY A 131 -9.09 15.09 -7.87
N LEU A 132 -8.60 15.16 -9.11
CA LEU A 132 -8.11 16.38 -9.72
C LEU A 132 -9.03 16.77 -10.88
N ALA A 133 -8.57 17.74 -11.67
CA ALA A 133 -9.27 18.15 -12.87
C ALA A 133 -8.29 18.80 -13.82
N TYR A 134 -8.54 18.64 -15.12
CA TYR A 134 -7.68 19.19 -16.16
C TYR A 134 -8.36 20.36 -16.84
N ALA A 135 -7.61 21.44 -17.07
CA ALA A 135 -8.14 22.61 -17.77
C ALA A 135 -6.97 23.45 -18.25
N ASP A 136 -6.93 23.71 -19.56
CA ASP A 136 -5.96 24.62 -20.18
C ASP A 136 -4.52 24.26 -19.78
N GLY A 137 -4.18 22.98 -19.93
CA GLY A 137 -2.83 22.53 -19.66
C GLY A 137 -2.44 22.56 -18.21
N ALA A 138 -3.40 22.58 -17.29
CA ALA A 138 -3.12 22.62 -15.87
C ALA A 138 -3.84 21.49 -15.16
N ILE A 139 -3.23 21.01 -14.08
CA ILE A 139 -3.84 20.03 -13.20
C ILE A 139 -4.31 20.76 -11.96
N LEU A 140 -5.62 20.76 -11.73
CA LEU A 140 -6.21 21.50 -10.62
C LEU A 140 -6.32 20.59 -9.41
N LEU A 141 -5.63 20.96 -8.34
CA LEU A 141 -5.64 20.21 -7.08
C LEU A 141 -6.27 21.06 -6.00
N HIS A 142 -7.20 20.47 -5.25
CA HIS A 142 -7.83 21.12 -4.10
C HIS A 142 -7.42 20.34 -2.86
N GLN A 143 -6.47 20.88 -2.11
CA GLN A 143 -5.90 20.17 -0.97
C GLN A 143 -6.91 20.10 0.18
N ALA A 144 -6.59 19.25 1.16
CA ALA A 144 -7.48 19.06 2.30
C ALA A 144 -7.61 20.31 3.16
N ASP A 145 -6.56 21.13 3.22
CA ASP A 145 -6.56 22.35 4.01
C ASP A 145 -7.23 23.53 3.30
N THR A 146 -8.10 23.25 2.32
CA THR A 146 -8.82 24.26 1.55
C THR A 146 -7.87 25.14 0.74
N THR A 147 -6.85 24.52 0.15
CA THR A 147 -5.89 25.20 -0.70
C THR A 147 -6.09 24.74 -2.15
N LEU A 148 -6.43 25.68 -3.02
CA LEU A 148 -6.58 25.41 -4.44
C LEU A 148 -5.28 25.71 -5.14
N VAL A 149 -4.72 24.70 -5.81
CA VAL A 149 -3.41 24.81 -6.46
C VAL A 149 -3.59 24.51 -7.94
N SER A 150 -2.98 25.34 -8.78
CA SER A 150 -2.95 25.14 -10.23
C SER A 150 -1.54 24.70 -10.61
N LEU A 151 -1.39 23.44 -10.99
CA LEU A 151 -0.11 22.88 -11.38
C LEU A 151 -0.02 22.74 -12.88
N ASP A 152 1.15 23.07 -13.43
CA ASP A 152 1.39 22.86 -14.85
C ASP A 152 1.37 21.37 -15.17
N ALA A 153 0.64 21.00 -16.24
CA ALA A 153 0.45 19.60 -16.55
C ALA A 153 1.73 18.93 -17.04
N LYS A 154 2.65 19.70 -17.63
CA LYS A 154 3.84 19.12 -18.25
C LYS A 154 5.06 19.13 -17.34
N SER A 155 5.06 19.93 -16.27
CA SER A 155 6.19 19.99 -15.35
C SER A 155 5.80 19.89 -13.89
N GLY A 156 4.55 20.14 -13.54
CA GLY A 156 4.12 20.14 -12.15
C GLY A 156 4.43 21.42 -11.39
N LYS A 157 4.99 22.42 -12.05
CA LYS A 157 5.28 23.69 -11.41
C LYS A 157 3.96 24.39 -11.04
N VAL A 158 4.00 25.12 -9.92
CA VAL A 158 2.82 25.78 -9.40
C VAL A 158 2.56 27.05 -10.21
N ASN A 159 1.36 27.14 -10.79
CA ASN A 159 0.93 28.36 -11.47
C ASN A 159 0.42 29.39 -10.46
N TRP A 160 -0.43 28.95 -9.54
CA TRP A 160 -0.88 29.82 -8.44
C TRP A 160 -1.50 28.95 -7.35
N SER A 161 -1.38 29.43 -6.11
CA SER A 161 -1.98 28.79 -4.95
C SER A 161 -2.86 29.80 -4.24
N VAL A 162 -4.07 29.39 -3.87
CA VAL A 162 -4.98 30.24 -3.11
C VAL A 162 -5.70 29.40 -2.07
N LYS A 163 -5.86 29.97 -0.87
CA LYS A 163 -6.54 29.29 0.21
C LYS A 163 -8.02 29.66 0.18
N ASN A 164 -8.88 28.64 0.12
CA ASN A 164 -10.32 28.83 0.02
C ASN A 164 -11.00 28.97 1.37
N GLY A 165 -10.41 28.43 2.44
CA GLY A 165 -10.97 28.54 3.77
C GLY A 165 -9.92 28.46 4.86
N ASP A 166 -10.36 28.32 6.11
CA ASP A 166 -9.44 28.24 7.25
C ASP A 166 -9.74 26.99 8.06
N PRO A 167 -8.87 25.98 8.02
CA PRO A 167 -9.10 24.79 8.85
C PRO A 167 -9.08 25.07 10.35
N SER A 168 -8.52 26.20 10.79
CA SER A 168 -8.64 26.60 12.18
C SER A 168 -10.09 26.63 12.63
N LYS A 169 -11.00 27.01 11.74
CA LYS A 169 -12.42 27.07 12.02
C LYS A 169 -13.14 25.75 11.73
N GLY A 170 -12.39 24.71 11.34
CA GLY A 170 -13.00 23.45 10.99
C GLY A 170 -13.42 23.33 9.53
N GLU A 171 -12.73 24.01 8.62
CA GLU A 171 -13.09 24.04 7.21
C GLU A 171 -12.02 23.29 6.43
N THR A 172 -12.38 22.14 5.87
CA THR A 172 -11.52 21.33 5.02
C THR A 172 -12.17 21.19 3.63
N ASN A 173 -11.52 20.42 2.77
CA ASN A 173 -12.09 20.10 1.47
C ASN A 173 -11.76 18.66 1.11
N THR A 174 -12.77 17.93 0.65
CA THR A 174 -12.59 16.58 0.14
C THR A 174 -13.02 16.42 -1.31
N ALA A 175 -13.73 17.39 -1.87
CA ALA A 175 -14.31 17.24 -3.20
C ALA A 175 -13.33 17.68 -4.28
N THR A 176 -13.71 17.44 -5.53
CA THR A 176 -12.94 17.88 -6.67
C THR A 176 -13.46 19.25 -7.14
N VAL A 177 -12.83 19.79 -8.16
CA VAL A 177 -13.20 21.10 -8.69
C VAL A 177 -13.89 20.90 -10.04
N LEU A 178 -14.53 21.97 -10.51
CA LEU A 178 -15.21 21.95 -11.80
C LEU A 178 -14.71 23.12 -12.63
N PRO A 179 -13.99 22.88 -13.72
CA PRO A 179 -13.59 24.01 -14.58
C PRO A 179 -14.60 24.32 -15.66
N VAL A 180 -15.08 25.56 -15.68
CA VAL A 180 -16.05 26.01 -16.67
C VAL A 180 -15.55 27.31 -17.28
N LYS A 181 -15.39 27.29 -18.59
CA LYS A 181 -14.89 28.44 -19.33
C LYS A 181 -13.56 28.88 -18.72
N ASP A 182 -13.51 30.12 -18.26
CA ASP A 182 -12.30 30.68 -17.69
C ASP A 182 -12.27 30.61 -16.16
N LYS A 183 -13.21 29.91 -15.54
CA LYS A 183 -13.33 29.89 -14.09
C LYS A 183 -13.22 28.48 -13.55
N VAL A 184 -12.94 28.39 -12.25
CA VAL A 184 -12.90 27.13 -11.52
C VAL A 184 -13.82 27.27 -10.31
N ILE A 185 -14.78 26.36 -10.19
CA ILE A 185 -15.72 26.37 -9.08
C ILE A 185 -15.32 25.25 -8.12
N VAL A 186 -15.18 25.59 -6.85
CA VAL A 186 -14.70 24.65 -5.84
C VAL A 186 -15.70 24.60 -4.70
N GLY A 187 -15.65 23.50 -3.96
CA GLY A 187 -16.47 23.29 -2.79
C GLY A 187 -15.65 23.31 -1.51
N ILE A 188 -16.38 23.20 -0.39
CA ILE A 188 -15.76 23.21 0.92
C ILE A 188 -16.54 22.24 1.81
N SER A 189 -15.82 21.58 2.72
CA SER A 189 -16.39 20.65 3.69
C SER A 189 -16.42 21.28 5.07
N GLY A 190 -17.19 20.65 5.96
CA GLY A 190 -17.29 21.14 7.33
C GLY A 190 -18.69 21.17 7.89
N GLY A 191 -19.60 20.38 7.29
CA GLY A 191 -20.95 20.31 7.81
C GLY A 191 -21.02 19.83 9.25
N GLU A 192 -20.03 19.06 9.68
CA GLU A 192 -19.95 18.57 11.05
C GLU A 192 -19.12 19.47 11.95
N PHE A 193 -18.74 20.66 11.48
CA PHE A 193 -17.93 21.57 12.27
C PHE A 193 -18.52 22.98 12.29
N GLY A 194 -19.84 23.08 12.10
CA GLY A 194 -20.51 24.37 12.14
C GLY A 194 -20.00 25.37 11.14
N VAL A 195 -19.74 24.94 9.91
CA VAL A 195 -19.17 25.80 8.88
C VAL A 195 -20.30 26.36 8.03
N GLN A 196 -20.32 27.68 7.87
CA GLN A 196 -21.16 28.30 6.84
C GLN A 196 -20.51 28.09 5.49
N CYS A 197 -20.93 27.03 4.80
CA CYS A 197 -20.30 26.61 3.55
C CYS A 197 -20.87 27.36 2.34
N HIS A 198 -20.28 27.10 1.19
CA HIS A 198 -20.47 27.93 0.00
C HIS A 198 -19.84 27.19 -1.17
N VAL A 199 -19.88 27.84 -2.32
CA VAL A 199 -19.15 27.43 -3.52
C VAL A 199 -18.47 28.68 -4.07
N THR A 200 -17.25 28.51 -4.54
CA THR A 200 -16.42 29.65 -4.91
C THR A 200 -15.88 29.46 -6.32
N ALA A 201 -15.92 30.53 -7.10
CA ALA A 201 -15.38 30.52 -8.45
C ALA A 201 -14.10 31.34 -8.48
N TYR A 202 -13.05 30.76 -9.05
CA TYR A 202 -11.74 31.39 -9.15
C TYR A 202 -11.35 31.53 -10.61
N ASP A 203 -10.47 32.49 -10.88
CA ASP A 203 -10.00 32.68 -12.24
C ASP A 203 -9.01 31.58 -12.60
N LEU A 204 -9.14 31.05 -13.82
CA LEU A 204 -8.30 29.93 -14.22
C LEU A 204 -6.86 30.35 -14.40
N LYS A 205 -6.64 31.53 -14.98
CA LYS A 205 -5.28 31.94 -15.32
C LYS A 205 -4.55 32.58 -14.15
N SER A 206 -5.27 33.17 -13.20
CA SER A 206 -4.67 33.91 -12.10
C SER A 206 -5.00 33.37 -10.72
N GLY A 207 -6.14 32.71 -10.54
CA GLY A 207 -6.55 32.27 -9.22
C GLY A 207 -7.26 33.31 -8.39
N LYS A 208 -7.67 34.42 -8.98
CA LYS A 208 -8.39 35.45 -8.25
C LYS A 208 -9.83 35.00 -7.99
N LYS A 209 -10.35 35.35 -6.81
CA LYS A 209 -11.74 35.06 -6.49
C LYS A 209 -12.67 35.90 -7.35
N VAL A 210 -13.67 35.24 -7.95
CA VAL A 210 -14.63 35.93 -8.81
C VAL A 210 -15.95 36.12 -8.06
N TRP A 211 -16.63 35.02 -7.73
CA TRP A 211 -17.87 35.10 -6.98
C TRP A 211 -17.93 33.98 -5.96
N ARG A 212 -18.67 34.22 -4.88
CA ARG A 212 -18.82 33.29 -3.77
C ARG A 212 -20.30 33.17 -3.42
N GLY A 213 -20.89 32.02 -3.76
CA GLY A 213 -22.29 31.79 -3.47
C GLY A 213 -22.52 30.89 -2.28
N TYR A 214 -22.87 31.48 -1.13
CA TYR A 214 -23.15 30.69 0.06
C TYR A 214 -24.46 29.93 -0.10
N SER A 215 -24.54 28.78 0.57
CA SER A 215 -25.76 27.98 0.55
C SER A 215 -26.78 28.46 1.58
N ILE A 216 -26.34 29.25 2.57
CA ILE A 216 -27.19 29.70 3.66
C ILE A 216 -26.81 31.14 4.02
N GLY A 217 -27.80 31.92 4.43
CA GLY A 217 -27.56 33.27 4.86
C GLY A 217 -28.40 34.30 4.11
N PRO A 218 -27.98 35.56 4.19
CA PRO A 218 -28.72 36.63 3.50
C PRO A 218 -28.64 36.48 1.99
N ASP A 219 -29.53 37.22 1.31
CA ASP A 219 -29.69 37.04 -0.14
C ASP A 219 -28.44 37.45 -0.91
N ASP A 220 -27.69 38.44 -0.42
CA ASP A 220 -26.48 38.84 -1.11
C ASP A 220 -25.41 37.74 -1.03
N GLN A 221 -25.36 37.01 0.09
CA GLN A 221 -24.41 35.92 0.22
C GLN A 221 -24.85 34.68 -0.54
N LEU A 222 -26.16 34.50 -0.75
CA LEU A 222 -26.64 33.38 -1.54
C LEU A 222 -26.46 33.60 -3.04
N ILE A 223 -26.36 34.86 -3.46
CA ILE A 223 -26.43 35.25 -4.87
C ILE A 223 -27.70 34.68 -5.49
N VAL A 224 -28.84 35.20 -5.05
CA VAL A 224 -30.16 34.73 -5.46
C VAL A 224 -31.00 35.95 -5.85
N ASP A 225 -31.70 35.87 -6.98
CA ASP A 225 -32.67 36.88 -7.35
C ASP A 225 -34.00 36.56 -6.68
N PRO A 226 -34.44 37.33 -5.70
CA PRO A 226 -35.67 36.98 -4.97
C PRO A 226 -36.92 36.97 -5.83
N GLU A 227 -36.93 37.66 -6.97
CA GLU A 227 -38.11 37.67 -7.83
C GLU A 227 -37.98 36.75 -9.04
N LYS A 228 -36.77 36.32 -9.39
CA LYS A 228 -36.55 35.48 -10.56
C LYS A 228 -36.05 34.08 -10.26
N THR A 229 -35.43 33.85 -9.10
CA THR A 229 -35.01 32.51 -8.72
C THR A 229 -36.22 31.74 -8.20
N THR A 230 -36.53 30.62 -8.85
CA THR A 230 -37.75 29.87 -8.59
C THR A 230 -37.43 28.60 -7.80
N SER A 231 -38.31 28.28 -6.85
CA SER A 231 -38.29 26.99 -6.18
C SER A 231 -39.66 26.34 -6.36
N LEU A 232 -39.68 25.14 -6.92
CA LEU A 232 -40.92 24.43 -7.22
C LEU A 232 -41.86 25.27 -8.09
N GLY A 233 -41.28 26.00 -9.04
CA GLY A 233 -42.03 26.76 -10.01
C GLY A 233 -42.39 28.17 -9.59
N LYS A 234 -42.35 28.49 -8.31
CA LYS A 234 -42.71 29.81 -7.83
C LYS A 234 -41.47 30.53 -7.29
N PRO A 235 -41.44 31.86 -7.36
CA PRO A 235 -40.27 32.61 -6.87
C PRO A 235 -40.02 32.36 -5.39
N ILE A 236 -38.74 32.41 -5.01
CA ILE A 236 -38.36 32.12 -3.63
C ILE A 236 -38.61 33.29 -2.70
N GLY A 237 -38.72 34.50 -3.23
CA GLY A 237 -39.01 35.66 -2.40
C GLY A 237 -37.79 36.17 -1.66
N LYS A 238 -37.98 37.29 -0.96
CA LYS A 238 -36.90 37.92 -0.24
C LYS A 238 -36.60 37.17 1.05
N ASP A 239 -35.32 37.17 1.43
CA ASP A 239 -34.82 36.44 2.60
C ASP A 239 -35.40 35.03 2.66
N SER A 240 -35.22 34.28 1.56
CA SER A 240 -35.75 32.93 1.47
C SER A 240 -35.06 31.99 2.46
N SER A 241 -33.79 32.22 2.75
CA SER A 241 -33.05 31.35 3.67
C SER A 241 -33.00 31.91 5.08
N LEU A 242 -32.97 33.24 5.22
CA LEU A 242 -32.91 33.85 6.55
C LEU A 242 -34.20 33.60 7.33
N LYS A 243 -35.35 33.61 6.65
CA LYS A 243 -36.61 33.44 7.34
C LYS A 243 -36.85 32.01 7.83
N THR A 244 -35.98 31.07 7.49
CA THR A 244 -36.11 29.69 7.96
C THR A 244 -35.04 29.31 8.97
N TRP A 245 -34.30 30.29 9.49
CA TRP A 245 -33.29 30.06 10.52
C TRP A 245 -33.59 30.93 11.73
N GLU A 246 -33.23 30.44 12.91
CA GLU A 246 -33.44 31.16 14.15
C GLU A 246 -32.20 31.99 14.48
N GLY A 247 -32.37 33.31 14.56
CA GLY A 247 -31.27 34.19 14.92
C GLY A 247 -30.08 34.08 14.00
N ASP A 248 -28.88 34.08 14.61
CA ASP A 248 -27.62 34.05 13.87
C ASP A 248 -27.02 32.66 13.78
N GLN A 249 -27.83 31.60 13.88
CA GLN A 249 -27.27 30.26 13.79
C GLN A 249 -27.03 29.81 12.36
N TRP A 250 -27.51 30.56 11.36
CA TRP A 250 -27.13 30.27 9.98
C TRP A 250 -25.67 30.58 9.72
N LYS A 251 -25.05 31.44 10.53
CA LYS A 251 -23.62 31.68 10.41
C LYS A 251 -22.80 30.42 10.68
N THR A 252 -23.37 29.47 11.42
CA THR A 252 -22.76 28.17 11.63
C THR A 252 -23.72 27.10 11.13
N GLY A 253 -24.22 27.23 9.90
CA GLY A 253 -25.37 26.49 9.45
C GLY A 253 -25.13 25.36 8.48
N GLY A 254 -23.89 25.01 8.19
CA GLY A 254 -23.63 23.83 7.36
C GLY A 254 -24.03 24.04 5.93
N GLY A 255 -24.68 23.02 5.36
CA GLY A 255 -25.03 23.03 3.95
C GLY A 255 -23.80 23.04 3.07
N CYS A 256 -22.92 22.07 3.28
CA CYS A 256 -21.62 22.08 2.62
C CYS A 256 -21.70 21.47 1.23
N THR A 257 -20.60 21.59 0.48
CA THR A 257 -20.61 21.35 -0.96
C THR A 257 -19.40 20.49 -1.30
N TRP A 258 -19.45 19.24 -0.85
CA TRP A 258 -18.34 18.31 -1.00
C TRP A 258 -18.65 17.21 -2.01
N GLY A 259 -19.74 17.33 -2.75
CA GLY A 259 -20.14 16.34 -3.73
C GLY A 259 -19.53 16.58 -5.09
N TRP A 260 -20.28 16.18 -6.12
CA TRP A 260 -19.83 16.32 -7.50
C TRP A 260 -20.63 17.43 -8.19
N PHE A 261 -19.95 18.14 -9.09
CA PHE A 261 -20.52 19.26 -9.82
C PHE A 261 -20.76 18.87 -11.27
N SER A 262 -21.90 19.30 -11.81
CA SER A 262 -22.23 19.08 -13.21
C SER A 262 -22.50 20.43 -13.88
N TYR A 263 -22.59 20.40 -15.20
CA TYR A 263 -22.70 21.64 -15.97
C TYR A 263 -23.31 21.35 -17.33
N ASP A 264 -24.26 22.19 -17.73
CA ASP A 264 -24.89 22.10 -19.05
C ASP A 264 -24.54 23.37 -19.83
N PRO A 265 -23.70 23.29 -20.86
CA PRO A 265 -23.33 24.52 -21.58
C PRO A 265 -24.48 25.13 -22.36
N LYS A 266 -25.36 24.31 -22.93
CA LYS A 266 -26.48 24.83 -23.71
C LYS A 266 -27.48 25.60 -22.84
N LEU A 267 -27.44 25.39 -21.52
CA LEU A 267 -28.30 26.11 -20.59
C LEU A 267 -27.55 27.13 -19.76
N ASP A 268 -26.21 27.13 -19.80
CA ASP A 268 -25.37 28.01 -18.98
C ASP A 268 -25.70 27.86 -17.50
N LEU A 269 -25.72 26.61 -17.04
CA LEU A 269 -26.07 26.29 -15.65
C LEU A 269 -25.13 25.24 -15.10
N MET A 270 -24.64 25.46 -13.89
CA MET A 270 -23.93 24.45 -13.13
C MET A 270 -24.84 23.96 -12.01
N TYR A 271 -24.70 22.68 -11.67
CA TYR A 271 -25.56 22.06 -10.67
C TYR A 271 -24.72 21.41 -9.59
N TYR A 272 -25.21 21.49 -8.35
CA TYR A 272 -24.58 20.81 -7.22
C TYR A 272 -25.61 20.65 -6.13
N GLY A 273 -25.20 20.06 -5.03
CA GLY A 273 -26.08 19.86 -3.89
C GLY A 273 -25.48 20.33 -2.60
N SER A 274 -26.31 20.91 -1.74
CA SER A 274 -25.86 21.41 -0.45
C SER A 274 -26.02 20.34 0.62
N GLY A 275 -25.16 20.41 1.63
CA GLY A 275 -25.06 19.40 2.66
C GLY A 275 -25.99 19.60 3.83
N ASN A 276 -25.65 18.95 4.93
CA ASN A 276 -26.50 18.93 6.11
C ASN A 276 -26.51 20.29 6.82
N PRO A 277 -27.65 20.67 7.39
CA PRO A 277 -27.75 21.96 8.10
C PRO A 277 -27.10 21.97 9.48
N SER A 278 -25.79 22.26 9.56
CA SER A 278 -25.11 22.53 10.83
C SER A 278 -25.08 21.30 11.72
N THR A 279 -25.63 21.36 12.93
CA THR A 279 -25.55 20.30 13.92
C THR A 279 -26.58 19.20 13.63
N TRP A 280 -26.42 18.08 14.32
CA TRP A 280 -27.27 16.91 14.12
C TRP A 280 -28.41 16.87 15.12
N ASN A 281 -28.53 17.88 15.98
CA ASN A 281 -29.62 17.98 16.93
C ASN A 281 -30.67 18.93 16.37
N PRO A 282 -31.82 18.42 15.89
CA PRO A 282 -32.79 19.30 15.22
C PRO A 282 -33.60 20.19 16.15
N LYS A 283 -33.54 19.97 17.46
CA LYS A 283 -34.37 20.77 18.37
C LYS A 283 -33.83 22.18 18.52
N GLN A 284 -32.51 22.32 18.62
CA GLN A 284 -31.88 23.62 18.74
C GLN A 284 -31.76 24.36 17.41
N ARG A 285 -32.21 23.74 16.32
CA ARG A 285 -32.14 24.31 14.98
C ARG A 285 -33.53 24.28 14.36
N PRO A 286 -34.45 25.11 14.83
CA PRO A 286 -35.82 25.08 14.30
C PRO A 286 -35.95 25.85 13.01
N GLY A 287 -36.80 25.34 12.13
CA GLY A 287 -37.00 25.91 10.82
C GLY A 287 -36.50 24.98 9.72
N ASP A 288 -36.84 25.36 8.48
CA ASP A 288 -36.49 24.55 7.32
C ASP A 288 -34.99 24.54 7.06
N ASN A 289 -34.25 25.49 7.61
CA ASN A 289 -32.79 25.55 7.47
C ASN A 289 -32.36 25.58 6.00
N LYS A 290 -32.97 26.49 5.24
CA LYS A 290 -32.63 26.67 3.84
C LYS A 290 -31.36 27.51 3.71
N TRP A 291 -30.58 27.25 2.66
CA TRP A 291 -30.88 26.21 1.68
C TRP A 291 -29.94 25.02 1.79
N SER A 292 -29.88 24.43 2.97
CA SER A 292 -29.25 23.13 3.13
C SER A 292 -30.10 22.05 2.48
N MET A 293 -29.45 20.93 2.14
CA MET A 293 -30.14 19.76 1.59
C MET A 293 -30.87 20.13 0.29
N THR A 294 -30.16 20.84 -0.59
CA THR A 294 -30.82 21.51 -1.69
C THR A 294 -30.05 21.32 -2.99
N ILE A 295 -30.80 21.16 -4.09
CA ILE A 295 -30.22 21.12 -5.43
C ILE A 295 -30.13 22.54 -5.95
N TRP A 296 -28.93 22.95 -6.36
CA TRP A 296 -28.70 24.30 -6.86
C TRP A 296 -28.52 24.30 -8.37
N ALA A 297 -28.78 25.46 -8.96
CA ALA A 297 -28.59 25.67 -10.40
C ALA A 297 -28.14 27.12 -10.59
N ARG A 298 -26.84 27.31 -10.72
CA ARG A 298 -26.26 28.64 -10.77
C ARG A 298 -25.67 28.94 -12.14
N ASN A 299 -25.43 30.22 -12.37
CA ASN A 299 -24.68 30.65 -13.54
C ASN A 299 -23.19 30.56 -13.24
N PRO A 300 -22.40 29.90 -14.09
CA PRO A 300 -20.98 29.74 -13.77
C PRO A 300 -20.24 31.06 -13.66
N ASP A 301 -20.68 32.08 -14.40
CA ASP A 301 -19.95 33.34 -14.47
C ASP A 301 -20.30 34.25 -13.29
N THR A 302 -21.59 34.41 -13.01
CA THR A 302 -22.03 35.31 -11.95
C THR A 302 -22.33 34.59 -10.64
N GLY A 303 -22.71 33.32 -10.69
CA GLY A 303 -23.17 32.62 -9.51
C GLY A 303 -24.66 32.74 -9.25
N MET A 304 -25.39 33.46 -10.09
CA MET A 304 -26.81 33.69 -9.85
C MET A 304 -27.60 32.41 -10.00
N ALA A 305 -28.34 32.04 -8.95
CA ALA A 305 -29.15 30.83 -9.00
C ALA A 305 -30.38 31.06 -9.86
N LYS A 306 -30.58 30.19 -10.86
CA LYS A 306 -31.79 30.27 -11.66
C LYS A 306 -32.96 29.59 -10.96
N TRP A 307 -32.75 28.37 -10.48
CA TRP A 307 -33.76 27.66 -9.71
C TRP A 307 -33.06 26.86 -8.62
N VAL A 308 -33.85 26.38 -7.67
CA VAL A 308 -33.32 25.79 -6.45
C VAL A 308 -34.43 24.94 -5.84
N TYR A 309 -34.05 23.82 -5.22
CA TYR A 309 -35.04 22.89 -4.68
C TYR A 309 -34.45 22.13 -3.49
N GLN A 310 -35.10 22.28 -2.33
CA GLN A 310 -34.68 21.59 -1.12
C GLN A 310 -35.32 20.21 -1.02
N MET A 311 -34.50 19.18 -0.85
CA MET A 311 -34.99 17.81 -0.75
C MET A 311 -35.38 17.44 0.68
N THR A 312 -34.49 17.69 1.66
CA THR A 312 -34.74 17.35 3.05
C THR A 312 -34.85 18.63 3.87
N PRO A 313 -36.02 19.26 3.95
CA PRO A 313 -36.17 20.45 4.80
C PRO A 313 -36.12 20.07 6.27
N HIS A 314 -35.42 20.88 7.05
CA HIS A 314 -35.24 20.68 8.48
C HIS A 314 -34.73 19.27 8.77
N ASP A 315 -33.48 19.05 8.41
CA ASP A 315 -32.90 17.71 8.48
C ASP A 315 -32.81 17.24 9.93
N GLU A 316 -32.98 15.92 10.10
CA GLU A 316 -32.85 15.29 11.39
C GLU A 316 -31.97 14.04 11.35
N TRP A 317 -31.31 13.76 10.21
CA TRP A 317 -30.59 12.51 10.06
C TRP A 317 -29.25 12.64 9.34
N ASP A 318 -28.78 13.86 9.05
CA ASP A 318 -27.54 14.07 8.31
C ASP A 318 -27.61 13.40 6.93
N PHE A 319 -28.63 13.78 6.17
CA PHE A 319 -28.88 13.25 4.84
C PHE A 319 -28.29 14.17 3.77
N ASP A 320 -26.98 14.38 3.82
CA ASP A 320 -26.29 15.33 2.96
C ASP A 320 -26.76 15.21 1.51
N GLY A 321 -27.35 16.29 0.99
CA GLY A 321 -27.87 16.30 -0.35
C GLY A 321 -26.84 16.66 -1.41
N ILE A 322 -25.61 16.16 -1.26
CA ILE A 322 -24.50 16.57 -2.10
C ILE A 322 -24.27 15.63 -3.26
N ASN A 323 -25.04 14.54 -3.36
CA ASN A 323 -24.77 13.53 -4.39
C ASN A 323 -24.94 14.13 -5.78
N GLU A 324 -24.34 13.45 -6.76
CA GLU A 324 -24.18 14.01 -8.09
C GLU A 324 -25.52 14.27 -8.77
N MET A 325 -25.51 15.22 -9.70
CA MET A 325 -26.66 15.59 -10.52
C MET A 325 -26.39 15.10 -11.94
N ILE A 326 -26.95 13.96 -12.30
CA ILE A 326 -26.70 13.37 -13.62
C ILE A 326 -27.66 14.01 -14.62
N LEU A 327 -27.09 14.66 -15.64
CA LEU A 327 -27.86 15.37 -16.65
C LEU A 327 -28.06 14.45 -17.86
N THR A 328 -29.31 14.21 -18.22
CA THR A 328 -29.66 13.36 -19.35
C THR A 328 -30.74 14.05 -20.17
N ASP A 329 -30.90 13.57 -21.41
CA ASP A 329 -31.93 14.06 -22.33
C ASP A 329 -32.78 12.86 -22.73
N GLN A 330 -33.88 12.64 -22.00
CA GLN A 330 -34.77 11.52 -22.22
C GLN A 330 -36.18 12.00 -22.54
N LYS A 331 -37.02 11.07 -22.99
CA LYS A 331 -38.40 11.36 -23.35
C LYS A 331 -39.30 11.09 -22.15
N PHE A 332 -39.82 12.15 -21.55
CA PHE A 332 -40.73 12.07 -20.41
C PHE A 332 -42.12 12.51 -20.83
N ASP A 333 -43.09 11.61 -20.68
CA ASP A 333 -44.47 11.85 -21.13
C ASP A 333 -44.54 12.12 -22.63
N GLY A 334 -43.69 11.42 -23.40
CA GLY A 334 -43.63 11.58 -24.83
C GLY A 334 -42.93 12.83 -25.32
N LYS A 335 -42.36 13.63 -24.42
CA LYS A 335 -41.66 14.85 -24.79
C LYS A 335 -40.20 14.76 -24.36
N ASP A 336 -39.29 15.16 -25.25
CA ASP A 336 -37.87 15.15 -24.94
C ASP A 336 -37.57 16.26 -23.96
N ARG A 337 -37.20 15.90 -22.73
CA ARG A 337 -36.99 16.89 -21.69
C ARG A 337 -35.54 16.93 -21.22
N PRO A 338 -35.03 18.12 -20.90
CA PRO A 338 -33.72 18.20 -20.24
C PRO A 338 -33.81 17.83 -18.76
N LEU A 339 -33.37 16.62 -18.44
CA LEU A 339 -33.62 16.04 -17.12
C LEU A 339 -32.43 16.22 -16.18
N LEU A 340 -32.69 15.91 -14.91
CA LEU A 340 -31.66 15.93 -13.86
C LEU A 340 -32.03 14.85 -12.85
N THR A 341 -31.25 13.78 -12.80
CA THR A 341 -31.50 12.68 -11.88
C THR A 341 -30.49 12.73 -10.74
N HIS A 342 -30.96 12.46 -9.52
CA HIS A 342 -30.16 12.58 -8.32
C HIS A 342 -30.59 11.50 -7.34
N PHE A 343 -29.62 10.74 -6.83
CA PHE A 343 -29.87 9.68 -5.84
C PHE A 343 -29.39 10.20 -4.49
N ASP A 344 -30.32 10.73 -3.70
CA ASP A 344 -29.97 11.41 -2.47
C ASP A 344 -29.73 10.42 -1.35
N ARG A 345 -29.07 10.92 -0.29
CA ARG A 345 -28.85 10.11 0.90
C ARG A 345 -30.17 9.71 1.56
N ASN A 346 -31.19 10.54 1.45
CA ASN A 346 -32.44 10.25 2.14
C ASN A 346 -33.19 9.06 1.55
N GLY A 347 -32.66 8.43 0.51
CA GLY A 347 -33.26 7.25 -0.05
C GLY A 347 -34.18 7.49 -1.24
N PHE A 348 -34.26 8.73 -1.73
CA PHE A 348 -35.15 9.05 -2.83
C PHE A 348 -34.34 9.43 -4.06
N GLY A 349 -34.69 8.84 -5.20
CA GLY A 349 -34.09 9.18 -6.46
C GLY A 349 -34.92 10.20 -7.21
N TYR A 350 -34.49 11.45 -7.18
CA TYR A 350 -35.24 12.54 -7.79
C TYR A 350 -34.94 12.64 -9.28
N THR A 351 -35.97 12.95 -10.06
CA THR A 351 -35.82 13.25 -11.49
C THR A 351 -36.44 14.62 -11.73
N LEU A 352 -35.61 15.61 -12.04
CA LEU A 352 -36.04 16.99 -12.19
C LEU A 352 -35.86 17.46 -13.63
N ASP A 353 -36.59 18.52 -13.96
CA ASP A 353 -36.36 19.26 -15.21
C ASP A 353 -35.24 20.26 -14.95
N ARG A 354 -34.06 19.99 -15.52
CA ARG A 354 -32.89 20.79 -15.18
C ARG A 354 -32.96 22.22 -15.69
N ALA A 355 -33.95 22.54 -16.53
CA ALA A 355 -34.14 23.92 -16.97
C ALA A 355 -35.01 24.71 -16.00
N THR A 356 -36.18 24.17 -15.66
CA THR A 356 -37.11 24.86 -14.78
C THR A 356 -36.92 24.52 -13.31
N GLY A 357 -36.43 23.32 -13.01
CA GLY A 357 -36.36 22.86 -11.64
C GLY A 357 -37.59 22.13 -11.18
N GLU A 358 -38.49 21.78 -12.09
CA GLU A 358 -39.69 21.03 -11.74
C GLU A 358 -39.32 19.61 -11.35
N VAL A 359 -39.91 19.12 -10.26
CA VAL A 359 -39.66 17.77 -9.77
C VAL A 359 -40.67 16.84 -10.42
N LEU A 360 -40.19 15.96 -11.30
CA LEU A 360 -41.05 15.04 -12.04
C LEU A 360 -41.28 13.73 -11.30
N VAL A 361 -40.20 13.07 -10.89
CA VAL A 361 -40.28 11.80 -10.16
C VAL A 361 -39.57 11.94 -8.83
N ALA A 362 -40.04 11.20 -7.84
CA ALA A 362 -39.44 11.18 -6.51
C ALA A 362 -39.85 9.91 -5.78
N GLU A 363 -39.13 8.82 -6.01
CA GLU A 363 -39.43 7.52 -5.44
C GLU A 363 -38.22 7.01 -4.64
N LYS A 364 -38.46 5.98 -3.85
CA LYS A 364 -37.40 5.34 -3.08
C LYS A 364 -36.65 4.34 -3.95
N PHE A 365 -35.32 4.43 -3.95
CA PHE A 365 -34.50 3.42 -4.61
C PHE A 365 -33.94 2.41 -3.61
N ASP A 366 -34.59 2.25 -2.46
CA ASP A 366 -34.42 1.17 -1.51
C ASP A 366 -35.74 0.99 -0.78
N PRO A 367 -36.41 -0.16 -0.94
CA PRO A 367 -37.77 -0.30 -0.36
C PRO A 367 -37.81 -0.25 1.15
N VAL A 368 -36.66 -0.38 1.84
CA VAL A 368 -36.66 -0.36 3.30
C VAL A 368 -36.65 1.06 3.87
N VAL A 369 -36.50 2.07 3.02
CA VAL A 369 -36.51 3.46 3.49
C VAL A 369 -37.82 3.73 4.22
N ASN A 370 -37.72 4.09 5.50
CA ASN A 370 -38.89 4.25 6.36
C ASN A 370 -39.01 5.64 6.98
N TRP A 371 -38.05 6.53 6.78
CA TRP A 371 -38.10 7.84 7.42
C TRP A 371 -39.21 8.73 6.85
N ALA A 372 -39.70 8.42 5.65
CA ALA A 372 -40.76 9.20 5.04
C ALA A 372 -41.65 8.29 4.21
N THR A 373 -42.96 8.55 4.26
CA THR A 373 -43.91 7.76 3.48
C THR A 373 -43.72 8.01 1.98
N LYS A 374 -43.60 9.26 1.59
CA LYS A 374 -43.42 9.63 0.19
C LYS A 374 -42.96 11.07 0.14
N VAL A 375 -42.64 11.54 -1.06
CA VAL A 375 -42.39 12.94 -1.33
C VAL A 375 -43.62 13.47 -2.07
N ASP A 376 -44.37 14.36 -1.41
CA ASP A 376 -45.66 14.83 -1.91
C ASP A 376 -45.45 15.67 -3.18
N LEU A 377 -45.87 15.13 -4.32
CA LEU A 377 -45.76 15.82 -5.60
C LEU A 377 -47.09 16.28 -6.16
N ASP A 378 -48.17 16.21 -5.38
CA ASP A 378 -49.43 16.80 -5.80
C ASP A 378 -49.30 18.31 -5.88
N LYS A 379 -49.53 18.87 -7.07
CA LYS A 379 -49.20 20.27 -7.33
C LYS A 379 -50.00 21.24 -6.46
N GLY A 380 -51.12 20.81 -5.90
CA GLY A 380 -51.88 21.67 -5.01
C GLY A 380 -52.11 21.04 -3.64
N SER A 381 -51.07 20.38 -3.12
CA SER A 381 -51.18 19.57 -1.92
C SER A 381 -50.93 20.33 -0.63
N LYS A 382 -50.43 21.58 -0.72
CA LYS A 382 -50.04 22.39 0.43
C LYS A 382 -48.67 21.93 0.95
N THR A 383 -48.38 20.64 0.81
CA THR A 383 -47.07 20.08 1.12
C THR A 383 -46.30 19.70 -0.14
N TYR A 384 -46.57 20.41 -1.25
CA TYR A 384 -45.97 20.07 -2.52
C TYR A 384 -44.45 20.20 -2.46
N GLY A 385 -43.74 19.14 -2.84
CA GLY A 385 -42.30 19.14 -2.85
C GLY A 385 -41.63 18.83 -1.53
N ARG A 386 -42.39 18.42 -0.51
CA ARG A 386 -41.78 18.09 0.77
C ARG A 386 -42.05 16.64 1.12
N PRO A 387 -41.08 15.97 1.75
CA PRO A 387 -41.29 14.58 2.18
C PRO A 387 -42.17 14.51 3.41
N LEU A 388 -43.08 13.55 3.42
CA LEU A 388 -43.99 13.34 4.54
C LEU A 388 -43.24 12.58 5.63
N VAL A 389 -42.74 13.32 6.61
CA VAL A 389 -41.88 12.74 7.65
C VAL A 389 -42.70 11.85 8.56
N VAL A 390 -42.27 10.60 8.71
CA VAL A 390 -42.90 9.67 9.63
C VAL A 390 -42.50 10.03 11.05
N SER A 391 -43.49 10.26 11.92
CA SER A 391 -43.21 10.68 13.29
C SER A 391 -42.46 9.62 14.07
N LYS A 392 -42.66 8.35 13.72
CA LYS A 392 -41.99 7.27 14.42
C LYS A 392 -40.47 7.36 14.27
N TYR A 393 -40.01 7.76 13.08
CA TYR A 393 -38.58 7.77 12.75
C TYR A 393 -38.03 9.19 12.61
N SER A 394 -38.62 10.15 13.32
CA SER A 394 -38.15 11.53 13.30
C SER A 394 -37.48 11.81 14.64
N THR A 395 -36.20 12.21 14.59
CA THR A 395 -35.44 12.38 15.83
C THR A 395 -35.84 13.65 16.57
N GLU A 396 -36.35 14.65 15.87
CA GLU A 396 -36.81 15.86 16.57
C GLU A 396 -38.10 15.59 17.32
N GLN A 397 -38.99 14.80 16.73
CA GLN A 397 -40.26 14.48 17.40
C GLN A 397 -40.02 13.56 18.59
N ASN A 398 -39.07 12.63 18.47
CA ASN A 398 -38.71 11.80 19.61
C ASN A 398 -37.96 12.60 20.67
N GLY A 399 -37.37 13.73 20.30
CA GLY A 399 -36.80 14.66 21.25
C GLY A 399 -35.32 14.44 21.51
N GLU A 400 -34.72 15.42 22.18
CA GLU A 400 -33.30 15.32 22.51
C GLU A 400 -33.07 14.23 23.55
N ASP A 401 -31.89 13.61 23.46
CA ASP A 401 -31.47 12.56 24.39
C ASP A 401 -32.40 11.35 24.37
N VAL A 402 -33.12 11.16 23.26
CA VAL A 402 -34.00 10.02 23.09
C VAL A 402 -33.52 9.27 21.86
N ASN A 403 -33.32 7.96 22.02
CA ASN A 403 -32.75 7.13 20.96
C ASN A 403 -33.84 6.73 19.98
N SER A 404 -33.79 7.28 18.78
CA SER A 404 -34.73 6.93 17.72
C SER A 404 -34.21 5.66 17.04
N LYS A 405 -34.92 4.56 17.20
CA LYS A 405 -34.44 3.26 16.77
C LYS A 405 -35.04 2.88 15.41
N GLY A 406 -34.20 2.33 14.54
CA GLY A 406 -34.68 1.70 13.33
C GLY A 406 -34.88 2.59 12.13
N ILE A 407 -34.13 3.69 12.03
CA ILE A 407 -34.29 4.61 10.91
C ILE A 407 -33.48 4.09 9.73
N CYS A 408 -34.15 3.96 8.58
CA CYS A 408 -33.54 3.52 7.34
C CYS A 408 -33.75 4.56 6.25
N PRO A 409 -32.70 5.04 5.58
CA PRO A 409 -31.32 4.59 5.74
C PRO A 409 -30.59 5.23 6.91
N ALA A 410 -29.35 4.81 7.14
CA ALA A 410 -28.54 5.41 8.19
C ALA A 410 -28.05 6.79 7.75
N ALA A 411 -27.27 7.42 8.62
CA ALA A 411 -26.75 8.75 8.31
C ALA A 411 -25.92 8.76 7.04
N LEU A 412 -25.26 7.64 6.73
CA LEU A 412 -24.54 7.54 5.45
C LEU A 412 -25.49 7.40 4.27
N GLY A 413 -26.80 7.32 4.51
CA GLY A 413 -27.79 7.32 3.46
C GLY A 413 -27.82 6.07 2.60
N THR A 414 -28.84 5.97 1.74
CA THR A 414 -28.90 4.88 0.78
C THR A 414 -27.76 4.92 -0.21
N LYS A 415 -27.18 6.09 -0.44
CA LYS A 415 -26.05 6.23 -1.36
C LYS A 415 -25.24 7.43 -0.91
N ASP A 416 -23.93 7.25 -0.80
CA ASP A 416 -23.05 8.30 -0.29
C ASP A 416 -22.26 8.95 -1.41
N GLN A 417 -20.99 9.24 -1.17
CA GLN A 417 -20.17 9.97 -2.13
C GLN A 417 -19.99 9.21 -3.43
N GLN A 418 -20.11 7.89 -3.40
CA GLN A 418 -19.86 7.07 -4.58
C GLN A 418 -20.81 7.47 -5.70
N PRO A 419 -20.32 7.86 -6.86
CA PRO A 419 -21.20 8.33 -7.94
C PRO A 419 -21.82 7.20 -8.73
N ALA A 420 -23.05 7.43 -9.16
CA ALA A 420 -23.77 6.49 -10.00
C ALA A 420 -23.46 6.75 -11.47
N ALA A 421 -23.80 5.77 -12.31
CA ALA A 421 -23.54 5.83 -13.74
C ALA A 421 -24.84 5.66 -14.51
N PHE A 422 -24.87 6.21 -15.72
CA PHE A 422 -26.03 6.15 -16.58
C PHE A 422 -25.64 5.58 -17.93
N SER A 423 -26.42 4.63 -18.42
CA SER A 423 -26.20 4.04 -19.75
C SER A 423 -27.29 4.53 -20.69
N PRO A 424 -26.96 5.35 -21.69
CA PRO A 424 -28.01 5.79 -22.62
C PRO A 424 -28.58 4.68 -23.48
N LYS A 425 -27.84 3.58 -23.67
CA LYS A 425 -28.37 2.46 -24.46
C LYS A 425 -29.53 1.77 -23.73
N THR A 426 -29.31 1.39 -22.46
CA THR A 426 -30.36 0.77 -21.68
C THR A 426 -31.31 1.78 -21.05
N GLY A 427 -30.91 3.06 -21.00
CA GLY A 427 -31.71 4.05 -20.34
C GLY A 427 -31.82 3.89 -18.84
N LEU A 428 -30.92 3.12 -18.24
CA LEU A 428 -30.95 2.80 -16.83
C LEU A 428 -29.83 3.52 -16.09
N PHE A 429 -30.03 3.68 -14.78
CA PHE A 429 -29.03 4.23 -13.89
C PHE A 429 -28.49 3.11 -13.00
N TYR A 430 -27.17 2.98 -12.94
CA TYR A 430 -26.52 1.96 -12.12
C TYR A 430 -25.90 2.64 -10.91
N VAL A 431 -26.52 2.43 -9.75
CA VAL A 431 -26.20 3.17 -8.54
C VAL A 431 -25.71 2.19 -7.47
N PRO A 432 -24.52 2.39 -6.90
CA PRO A 432 -24.05 1.56 -5.78
C PRO A 432 -24.61 2.03 -4.46
N THR A 433 -25.56 1.26 -3.91
CA THR A 433 -26.34 1.68 -2.77
C THR A 433 -25.83 1.05 -1.47
N ASN A 434 -26.29 1.61 -0.36
CA ASN A 434 -26.12 1.05 0.98
C ASN A 434 -27.40 0.40 1.44
N HIS A 435 -27.29 -0.41 2.50
CA HIS A 435 -28.44 -1.10 3.06
C HIS A 435 -28.28 -1.19 4.57
N VAL A 436 -28.14 -0.03 5.22
CA VAL A 436 -27.85 0.05 6.64
C VAL A 436 -28.88 0.96 7.29
N CYS A 437 -29.34 0.58 8.47
CA CYS A 437 -30.25 1.36 9.26
C CYS A 437 -29.52 1.89 10.50
N MET A 438 -30.25 2.55 11.40
CA MET A 438 -29.57 3.42 12.34
C MET A 438 -30.42 3.65 13.57
N ASP A 439 -29.77 3.64 14.74
CA ASP A 439 -30.31 4.24 15.95
C ASP A 439 -29.71 5.64 16.12
N TYR A 440 -30.55 6.60 16.49
CA TYR A 440 -30.20 8.01 16.46
C TYR A 440 -30.66 8.66 17.76
N GLU A 441 -29.73 9.27 18.49
CA GLU A 441 -30.05 9.98 19.72
C GLU A 441 -29.40 11.36 19.70
N PRO A 442 -30.15 12.42 19.43
CA PRO A 442 -29.58 13.77 19.45
C PRO A 442 -29.50 14.33 20.87
N PHE A 443 -28.60 15.28 21.04
CA PHE A 443 -28.49 16.01 22.30
C PHE A 443 -27.96 17.40 22.03
N ARG A 444 -28.27 18.32 22.94
CA ARG A 444 -27.89 19.71 22.76
C ARG A 444 -26.39 19.88 22.90
N VAL A 445 -25.81 20.68 22.01
CA VAL A 445 -24.38 21.00 22.05
C VAL A 445 -24.17 22.48 21.76
N THR A 446 -23.16 23.04 22.39
CA THR A 446 -22.75 24.41 22.12
C THR A 446 -21.64 24.40 21.09
N TYR A 447 -21.54 25.50 20.33
CA TYR A 447 -20.62 25.59 19.21
C TYR A 447 -19.33 26.27 19.65
N THR A 448 -18.20 25.60 19.43
CA THR A 448 -16.89 26.19 19.61
C THR A 448 -16.15 26.16 18.27
N PRO A 449 -15.61 27.27 17.80
CA PRO A 449 -14.90 27.26 16.52
C PRO A 449 -13.71 26.31 16.55
N GLY A 450 -13.56 25.54 15.48
CA GLY A 450 -12.51 24.55 15.39
C GLY A 450 -12.82 23.22 16.03
N GLN A 451 -13.91 23.12 16.80
CA GLN A 451 -14.35 21.92 17.47
C GLN A 451 -15.58 21.34 16.76
N PRO A 452 -15.80 20.03 16.84
CA PRO A 452 -16.97 19.44 16.17
C PRO A 452 -18.27 20.00 16.72
N TYR A 453 -19.27 20.10 15.84
CA TYR A 453 -20.57 20.68 16.15
C TYR A 453 -21.64 19.71 15.64
N VAL A 454 -21.73 18.55 16.29
CA VAL A 454 -22.61 17.47 15.84
C VAL A 454 -23.79 17.34 16.80
N GLY A 455 -23.60 16.64 17.91
CA GLY A 455 -24.66 16.46 18.88
C GLY A 455 -25.52 15.24 18.63
N ALA A 456 -24.89 14.10 18.40
CA ALA A 456 -25.63 12.87 18.15
C ALA A 456 -24.71 11.67 18.40
N THR A 457 -25.30 10.60 18.95
CA THR A 457 -24.63 9.33 19.17
C THR A 457 -25.36 8.30 18.32
N LEU A 458 -24.64 7.65 17.40
CA LEU A 458 -25.29 6.79 16.43
C LEU A 458 -24.77 5.35 16.52
N SER A 459 -25.61 4.45 16.02
CA SER A 459 -25.31 3.03 15.94
C SER A 459 -25.90 2.52 14.64
N MET A 460 -25.07 1.93 13.78
CA MET A 460 -25.53 1.41 12.51
C MET A 460 -25.50 -0.11 12.51
N TYR A 461 -26.31 -0.70 11.64
CA TYR A 461 -26.46 -2.14 11.53
C TYR A 461 -27.26 -2.44 10.26
N PRO A 462 -27.14 -3.65 9.71
CA PRO A 462 -27.85 -3.97 8.47
C PRO A 462 -29.36 -3.84 8.66
N ALA A 463 -30.05 -3.61 7.55
CA ALA A 463 -31.50 -3.52 7.62
C ALA A 463 -32.08 -4.86 8.06
N PRO A 464 -33.13 -4.87 8.88
CA PRO A 464 -33.67 -6.15 9.38
C PRO A 464 -34.15 -7.07 8.26
N GLY A 465 -34.56 -6.50 7.13
CA GLY A 465 -34.99 -7.28 5.99
C GLY A 465 -33.82 -7.80 5.18
N SER A 466 -34.09 -8.12 3.92
CA SER A 466 -33.07 -8.48 2.94
C SER A 466 -32.38 -9.78 3.31
N HIS A 467 -31.04 -9.77 3.25
CA HIS A 467 -30.27 -10.99 3.43
C HIS A 467 -29.13 -10.83 4.45
N GLY A 468 -29.09 -9.73 5.18
CA GLY A 468 -27.96 -9.44 6.04
C GLY A 468 -26.88 -8.61 5.38
N GLY A 469 -26.98 -8.39 4.08
CA GLY A 469 -26.03 -7.56 3.39
C GLY A 469 -26.26 -6.09 3.62
N MET A 470 -25.20 -5.32 3.41
CA MET A 470 -25.23 -3.88 3.66
C MET A 470 -25.06 -3.09 2.38
N GLY A 471 -25.24 -3.72 1.22
CA GLY A 471 -25.10 -3.03 -0.04
C GLY A 471 -25.89 -3.69 -1.14
N ASN A 472 -26.17 -2.91 -2.19
CA ASN A 472 -26.85 -3.39 -3.37
C ASN A 472 -26.37 -2.57 -4.56
N PHE A 473 -26.20 -3.23 -5.71
CA PHE A 473 -25.94 -2.55 -6.96
C PHE A 473 -27.15 -2.77 -7.87
N ILE A 474 -27.95 -1.72 -8.03
CA ILE A 474 -29.27 -1.83 -8.65
C ILE A 474 -29.27 -1.04 -9.96
N ALA A 475 -30.32 -1.27 -10.74
CA ALA A 475 -30.58 -0.52 -11.96
C ALA A 475 -31.87 0.27 -11.79
N TRP A 476 -31.85 1.53 -12.20
CA TRP A 476 -32.92 2.47 -11.90
C TRP A 476 -33.49 3.06 -13.18
N ASP A 477 -34.81 3.16 -13.23
CA ASP A 477 -35.52 3.84 -14.32
C ASP A 477 -36.05 5.15 -13.75
N ASN A 478 -35.41 6.26 -14.13
CA ASN A 478 -35.72 7.55 -13.53
C ASN A 478 -37.04 8.14 -14.02
N LEU A 479 -37.65 7.58 -15.06
CA LEU A 479 -38.87 8.15 -15.60
C LEU A 479 -40.13 7.57 -14.97
N GLN A 480 -40.06 6.35 -14.43
CA GLN A 480 -41.14 5.79 -13.63
C GLN A 480 -40.74 5.51 -12.19
N GLY A 481 -39.46 5.62 -11.85
CA GLY A 481 -39.06 5.53 -10.46
C GLY A 481 -39.01 4.13 -9.92
N LYS A 482 -38.49 3.18 -10.69
CA LYS A 482 -38.52 1.78 -10.30
C LYS A 482 -37.13 1.17 -10.43
N ILE A 483 -36.92 0.12 -9.64
CA ILE A 483 -35.69 -0.65 -9.70
C ILE A 483 -35.91 -1.80 -10.68
N LYS A 484 -35.12 -1.81 -11.77
CA LYS A 484 -35.29 -2.86 -12.76
C LYS A 484 -34.72 -4.19 -12.29
N TRP A 485 -33.52 -4.16 -11.70
CA TRP A 485 -32.94 -5.34 -11.08
C TRP A 485 -32.00 -4.91 -9.96
N SER A 486 -31.80 -5.81 -9.00
CA SER A 486 -30.99 -5.54 -7.83
C SER A 486 -30.04 -6.69 -7.57
N ASN A 487 -28.75 -6.37 -7.43
CA ASN A 487 -27.72 -7.35 -7.07
C ASN A 487 -27.26 -7.13 -5.64
N PRO A 488 -27.29 -8.14 -4.78
CA PRO A 488 -26.91 -7.95 -3.39
C PRO A 488 -25.39 -7.92 -3.18
N GLU A 489 -24.99 -7.26 -2.10
CA GLU A 489 -23.59 -7.20 -1.69
C GLU A 489 -23.51 -7.36 -0.17
N GLN A 490 -22.47 -8.05 0.29
CA GLN A 490 -22.33 -8.31 1.72
C GLN A 490 -22.10 -7.02 2.49
N PHE A 491 -21.15 -6.20 2.04
CA PHE A 491 -20.90 -4.88 2.59
C PHE A 491 -21.42 -3.81 1.64
N SER A 492 -21.37 -2.57 2.08
CA SER A 492 -21.88 -1.48 1.28
C SER A 492 -21.05 -1.31 0.01
N ALA A 493 -21.67 -0.72 -1.00
CA ALA A 493 -21.04 -0.48 -2.29
C ALA A 493 -20.56 0.97 -2.31
N TRP A 494 -19.36 1.20 -1.80
CA TRP A 494 -18.81 2.54 -1.63
C TRP A 494 -17.98 2.98 -2.83
N GLY A 495 -17.94 2.19 -3.90
CA GLY A 495 -17.13 2.51 -5.06
C GLY A 495 -17.99 3.08 -6.20
N GLY A 496 -17.45 4.09 -6.86
CA GLY A 496 -18.16 4.69 -7.97
C GLY A 496 -18.25 3.74 -9.16
N ALA A 497 -19.36 3.82 -9.88
CA ALA A 497 -19.62 2.92 -11.00
C ALA A 497 -19.27 3.59 -12.32
N LEU A 498 -19.07 2.76 -13.34
CA LEU A 498 -18.77 3.25 -14.68
C LEU A 498 -19.42 2.34 -15.70
N ALA A 499 -20.25 2.91 -16.58
CA ALA A 499 -20.87 2.18 -17.67
C ALA A 499 -20.18 2.51 -18.98
N THR A 500 -20.07 1.52 -19.87
CA THR A 500 -19.42 1.71 -21.16
C THR A 500 -20.34 1.28 -22.28
N ALA A 501 -19.92 1.59 -23.51
CA ALA A 501 -20.68 1.23 -24.71
C ALA A 501 -20.60 -0.25 -25.03
N GLY A 502 -19.80 -1.01 -24.31
CA GLY A 502 -19.76 -2.45 -24.45
C GLY A 502 -20.79 -3.17 -23.62
N ASP A 503 -21.79 -2.45 -23.11
CA ASP A 503 -22.87 -3.02 -22.30
C ASP A 503 -22.33 -3.63 -21.00
N VAL A 504 -21.36 -2.94 -20.39
CA VAL A 504 -20.74 -3.38 -19.15
C VAL A 504 -20.79 -2.23 -18.15
N VAL A 505 -20.91 -2.57 -16.87
CA VAL A 505 -20.77 -1.60 -15.78
C VAL A 505 -19.76 -2.14 -14.78
N PHE A 506 -18.77 -1.32 -14.44
CA PHE A 506 -17.73 -1.68 -13.48
C PHE A 506 -17.97 -0.98 -12.15
N TYR A 507 -17.72 -1.69 -11.06
CA TYR A 507 -17.79 -1.11 -9.73
C TYR A 507 -16.98 -1.98 -8.78
N GLY A 508 -16.50 -1.36 -7.70
CA GLY A 508 -15.64 -2.02 -6.74
C GLY A 508 -16.34 -2.22 -5.40
N THR A 509 -16.11 -3.37 -4.80
CA THR A 509 -16.70 -3.71 -3.51
C THR A 509 -15.73 -3.38 -2.38
N LEU A 510 -16.30 -3.30 -1.16
CA LEU A 510 -15.49 -3.01 0.02
C LEU A 510 -14.58 -4.16 0.42
N GLU A 511 -14.84 -5.37 -0.09
CA GLU A 511 -13.92 -6.48 0.12
C GLU A 511 -12.82 -6.53 -0.93
N GLY A 512 -12.75 -5.53 -1.80
CA GLY A 512 -11.65 -5.41 -2.73
C GLY A 512 -11.87 -6.05 -4.09
N PHE A 513 -13.12 -6.32 -4.45
CA PHE A 513 -13.44 -6.97 -5.71
C PHE A 513 -13.86 -5.93 -6.75
N LEU A 514 -13.24 -5.97 -7.92
CA LEU A 514 -13.66 -5.16 -9.06
C LEU A 514 -14.58 -6.02 -9.93
N LYS A 515 -15.87 -5.71 -9.91
CA LYS A 515 -16.86 -6.49 -10.63
C LYS A 515 -17.29 -5.78 -11.91
N ALA A 516 -17.66 -6.58 -12.91
CA ALA A 516 -18.27 -6.09 -14.14
C ALA A 516 -19.57 -6.83 -14.37
N VAL A 517 -20.66 -6.07 -14.54
CA VAL A 517 -21.98 -6.66 -14.72
C VAL A 517 -22.51 -6.25 -16.09
N ASP A 518 -23.39 -7.09 -16.63
CA ASP A 518 -24.02 -6.81 -17.91
C ASP A 518 -25.00 -5.66 -17.76
N SER A 519 -24.98 -4.75 -18.73
CA SER A 519 -25.79 -3.53 -18.62
C SER A 519 -27.27 -3.85 -18.66
N LYS A 520 -27.67 -4.87 -19.43
CA LYS A 520 -29.08 -5.20 -19.58
C LYS A 520 -29.52 -6.28 -18.60
N THR A 521 -28.78 -7.39 -18.55
CA THR A 521 -29.17 -8.52 -17.71
C THR A 521 -28.85 -8.26 -16.24
N GLY A 522 -27.65 -7.77 -15.96
CA GLY A 522 -27.18 -7.62 -14.59
C GLY A 522 -26.37 -8.79 -14.08
N LYS A 523 -25.96 -9.70 -14.97
CA LYS A 523 -25.17 -10.85 -14.57
C LYS A 523 -23.72 -10.45 -14.36
N GLU A 524 -23.14 -10.95 -13.27
CA GLU A 524 -21.72 -10.74 -13.03
C GLU A 524 -20.91 -11.42 -14.13
N LEU A 525 -20.06 -10.65 -14.81
CA LEU A 525 -19.23 -11.18 -15.87
C LEU A 525 -17.75 -11.25 -15.51
N TYR A 526 -17.31 -10.44 -14.55
CA TYR A 526 -15.91 -10.41 -14.17
C TYR A 526 -15.81 -10.08 -12.69
N LYS A 527 -14.75 -10.58 -12.05
CA LYS A 527 -14.53 -10.37 -10.63
C LYS A 527 -13.06 -10.59 -10.33
N PHE A 528 -12.39 -9.57 -9.81
CA PHE A 528 -10.97 -9.65 -9.49
C PHE A 528 -10.72 -9.00 -8.14
N LYS A 529 -9.83 -9.59 -7.36
CA LYS A 529 -9.55 -9.12 -6.00
C LYS A 529 -8.40 -8.11 -6.04
N THR A 530 -8.75 -6.84 -5.89
CA THR A 530 -7.77 -5.78 -5.71
C THR A 530 -7.20 -5.84 -4.29
N PRO A 531 -6.05 -5.21 -4.04
CA PRO A 531 -5.37 -5.41 -2.75
C PRO A 531 -6.16 -4.91 -1.55
N SER A 532 -7.03 -3.92 -1.73
CA SER A 532 -7.77 -3.32 -0.62
C SER A 532 -9.18 -3.01 -1.09
N GLY A 533 -10.02 -2.61 -0.13
CA GLY A 533 -11.38 -2.23 -0.46
C GLY A 533 -11.40 -1.02 -1.38
N ILE A 534 -12.39 -0.99 -2.27
CA ILE A 534 -12.46 0.03 -3.31
C ILE A 534 -13.52 1.04 -2.93
N ILE A 535 -13.09 2.27 -2.65
CA ILE A 535 -14.00 3.40 -2.45
C ILE A 535 -13.85 4.46 -3.53
N GLY A 536 -12.94 4.26 -4.50
CA GLY A 536 -12.80 5.16 -5.61
C GLY A 536 -13.70 4.77 -6.78
N ASN A 537 -13.68 5.62 -7.81
CA ASN A 537 -14.50 5.40 -8.99
C ASN A 537 -13.70 4.67 -10.07
N VAL A 538 -14.37 3.79 -10.79
CA VAL A 538 -13.72 3.08 -11.89
C VAL A 538 -13.68 3.98 -13.11
N MET A 539 -12.56 3.94 -13.82
CA MET A 539 -12.35 4.76 -15.00
C MET A 539 -11.77 3.91 -16.12
N THR A 540 -11.86 4.44 -17.34
CA THR A 540 -11.27 3.79 -18.49
C THR A 540 -10.58 4.84 -19.35
N TYR A 541 -9.60 4.37 -20.13
CA TYR A 541 -8.85 5.22 -21.04
C TYR A 541 -8.32 4.34 -22.16
N GLU A 542 -7.66 4.96 -23.12
CA GLU A 542 -7.12 4.26 -24.28
C GLU A 542 -5.71 4.75 -24.53
N HIS A 543 -4.76 3.82 -24.58
CA HIS A 543 -3.36 4.14 -24.81
C HIS A 543 -2.84 3.29 -25.95
N LYS A 544 -2.25 3.96 -26.95
CA LYS A 544 -1.75 3.29 -28.16
C LYS A 544 -2.86 2.44 -28.80
N GLY A 545 -4.09 2.96 -28.76
CA GLY A 545 -5.22 2.35 -29.40
C GLY A 545 -5.93 1.28 -28.60
N LYS A 546 -5.39 0.87 -27.45
CA LYS A 546 -5.96 -0.21 -26.65
C LYS A 546 -6.63 0.37 -25.41
N GLN A 547 -7.85 -0.08 -25.14
CA GLN A 547 -8.61 0.38 -24.00
C GLN A 547 -8.13 -0.29 -22.71
N HIS A 548 -7.94 0.51 -21.67
CA HIS A 548 -7.61 0.02 -20.34
C HIS A 548 -8.68 0.49 -19.36
N VAL A 549 -8.86 -0.26 -18.28
CA VAL A 549 -9.78 0.11 -17.20
C VAL A 549 -9.01 0.05 -15.89
N ALA A 550 -9.02 1.16 -15.15
CA ALA A 550 -8.20 1.30 -13.96
C ALA A 550 -9.07 1.68 -12.78
N VAL A 551 -8.59 1.35 -11.58
CA VAL A 551 -9.32 1.63 -10.35
C VAL A 551 -8.31 1.73 -9.21
N LEU A 552 -8.58 2.63 -8.26
CA LEU A 552 -7.76 2.82 -7.09
C LEU A 552 -8.33 2.01 -5.92
N SER A 553 -7.48 1.25 -5.25
CA SER A 553 -7.86 0.48 -4.09
C SER A 553 -7.29 1.12 -2.83
N GLY A 554 -8.00 0.94 -1.72
CA GLY A 554 -7.63 1.55 -0.45
C GLY A 554 -8.86 1.91 0.35
N VAL A 555 -9.25 1.01 1.26
CA VAL A 555 -10.50 1.16 1.99
C VAL A 555 -10.41 2.38 2.91
N GLY A 556 -11.51 3.11 3.03
CA GLY A 556 -11.56 4.29 3.86
C GLY A 556 -12.93 4.95 3.86
N GLY A 557 -12.95 6.29 3.85
CA GLY A 557 -14.20 7.01 3.94
C GLY A 557 -14.89 6.76 5.28
N TRP A 558 -16.22 6.83 5.24
CA TRP A 558 -16.99 6.54 6.45
C TRP A 558 -17.18 5.04 6.65
N ALA A 559 -17.30 4.28 5.57
CA ALA A 559 -17.49 2.83 5.70
C ALA A 559 -16.25 2.17 6.29
N GLY A 560 -15.06 2.63 5.91
CA GLY A 560 -13.83 2.08 6.42
C GLY A 560 -13.15 2.97 7.43
N ILE A 561 -13.93 3.80 8.13
CA ILE A 561 -13.36 4.70 9.12
C ILE A 561 -12.77 3.90 10.29
N GLY A 562 -13.35 2.74 10.60
CA GLY A 562 -12.80 1.91 11.65
C GLY A 562 -11.41 1.40 11.32
N LEU A 563 -11.17 1.09 10.05
CA LEU A 563 -9.85 0.64 9.63
C LEU A 563 -8.90 1.81 9.40
N ALA A 564 -9.42 2.92 8.85
CA ALA A 564 -8.56 4.05 8.50
C ALA A 564 -8.14 4.85 9.73
N ALA A 565 -9.07 5.10 10.66
CA ALA A 565 -8.76 5.86 11.85
C ALA A 565 -8.28 4.99 13.01
N GLY A 566 -8.39 3.67 12.91
CA GLY A 566 -7.96 2.80 13.97
C GLY A 566 -8.90 2.76 15.16
N LEU A 567 -10.15 3.17 15.01
CA LEU A 567 -11.08 3.20 16.11
C LEU A 567 -11.47 1.78 16.53
N THR A 568 -11.59 1.59 17.85
CA THR A 568 -11.99 0.30 18.41
C THR A 568 -13.34 0.33 19.11
N ASP A 569 -13.83 1.52 19.47
CA ASP A 569 -15.13 1.62 20.11
C ASP A 569 -16.23 1.38 19.08
N PRO A 570 -17.35 0.77 19.50
CA PRO A 570 -18.44 0.51 18.55
C PRO A 570 -19.26 1.75 18.22
N ASN A 571 -19.16 2.82 19.01
CA ASN A 571 -19.85 4.07 18.74
C ASN A 571 -18.92 5.16 18.21
N ALA A 572 -17.62 4.93 18.22
CA ALA A 572 -16.68 5.89 17.64
C ALA A 572 -16.83 5.93 16.12
N GLY A 573 -16.19 6.92 15.51
CA GLY A 573 -16.38 7.13 14.09
C GLY A 573 -17.80 7.49 13.71
N LEU A 574 -18.57 8.02 14.67
CA LEU A 574 -19.98 8.36 14.46
C LEU A 574 -20.80 7.14 14.05
N GLY A 575 -20.57 6.03 14.74
CA GLY A 575 -21.36 4.82 14.59
C GLY A 575 -20.89 3.87 13.50
N ALA A 576 -20.12 4.36 12.53
CA ALA A 576 -19.69 3.52 11.40
C ALA A 576 -18.51 2.61 11.74
N VAL A 577 -17.87 2.81 12.89
CA VAL A 577 -16.76 1.92 13.28
C VAL A 577 -17.30 0.54 13.66
N GLY A 578 -18.32 0.50 14.52
CA GLY A 578 -18.93 -0.76 14.88
C GLY A 578 -19.93 -1.29 13.87
N GLY A 579 -20.37 -0.45 12.93
CA GLY A 579 -21.27 -0.93 11.89
C GLY A 579 -20.58 -1.79 10.85
N TYR A 580 -19.28 -1.56 10.63
CA TYR A 580 -18.51 -2.36 9.68
C TYR A 580 -17.38 -3.10 10.38
N ALA A 581 -17.70 -3.82 11.44
CA ALA A 581 -16.68 -4.54 12.19
C ALA A 581 -16.15 -5.73 11.39
N ALA A 582 -17.03 -6.43 10.66
CA ALA A 582 -16.63 -7.59 9.88
C ALA A 582 -15.80 -7.24 8.66
N LEU A 583 -15.64 -5.94 8.35
CA LEU A 583 -14.81 -5.55 7.22
C LEU A 583 -13.34 -5.88 7.45
N SER A 584 -12.92 -5.97 8.70
CA SER A 584 -11.50 -6.17 9.00
C SER A 584 -10.99 -7.55 8.60
N SER A 585 -11.87 -8.54 8.47
CA SER A 585 -11.48 -9.88 8.06
C SER A 585 -11.54 -10.07 6.56
N TYR A 586 -11.57 -8.98 5.79
CA TYR A 586 -11.53 -9.04 4.34
C TYR A 586 -10.53 -8.08 3.71
N THR A 587 -10.16 -6.99 4.39
CA THR A 587 -9.28 -5.98 3.81
C THR A 587 -8.55 -5.23 4.90
N ASN A 588 -7.37 -4.71 4.55
CA ASN A 588 -6.64 -3.76 5.38
C ASN A 588 -6.54 -2.43 4.63
N LEU A 589 -5.79 -1.49 5.20
CA LEU A 589 -5.53 -0.24 4.53
C LEU A 589 -4.66 -0.47 3.30
N GLY A 590 -4.75 0.44 2.34
CA GLY A 590 -4.01 0.27 1.11
C GLY A 590 -3.88 1.58 0.36
N GLY A 591 -3.13 1.51 -0.74
CA GLY A 591 -2.92 2.65 -1.61
C GLY A 591 -2.36 2.21 -2.93
N GLN A 592 -3.16 1.52 -3.73
CA GLN A 592 -2.71 0.94 -4.98
C GLN A 592 -3.64 1.33 -6.11
N LEU A 593 -3.07 1.47 -7.30
CA LEU A 593 -3.81 1.65 -8.53
C LEU A 593 -3.62 0.40 -9.40
N THR A 594 -4.73 -0.21 -9.80
CA THR A 594 -4.71 -1.41 -10.62
C THR A 594 -5.27 -1.10 -12.00
N VAL A 595 -4.56 -1.53 -13.04
CA VAL A 595 -4.95 -1.27 -14.42
C VAL A 595 -5.22 -2.61 -15.11
N PHE A 596 -6.36 -2.70 -15.79
CA PHE A 596 -6.80 -3.93 -16.44
C PHE A 596 -6.90 -3.72 -17.94
N SER A 597 -6.67 -4.79 -18.70
CA SER A 597 -6.84 -4.78 -20.15
C SER A 597 -7.02 -6.22 -20.63
N LEU A 598 -6.92 -6.42 -21.95
CA LEU A 598 -7.15 -7.72 -22.57
C LEU A 598 -5.85 -8.31 -23.13
N PRO A 599 -5.76 -9.65 -23.21
CA PRO A 599 -4.54 -10.25 -23.78
C PRO A 599 -4.42 -9.96 -25.26
N ASN A 600 -3.23 -9.52 -25.67
CA ASN A 600 -2.98 -9.17 -27.06
C ASN A 600 -2.86 -10.41 -27.94
N ASN B 22 12.73 -29.41 12.88
CA ASN B 22 11.72 -30.33 13.37
C ASN B 22 11.39 -31.39 12.31
N GLU B 23 10.96 -32.57 12.75
CA GLU B 23 10.48 -33.56 11.79
C GLU B 23 9.24 -33.08 11.06
N SER B 24 8.42 -32.25 11.71
CA SER B 24 7.28 -31.65 11.05
C SER B 24 7.70 -30.68 9.96
N VAL B 25 8.93 -30.19 9.99
CA VAL B 25 9.39 -29.26 8.95
C VAL B 25 9.90 -30.02 7.74
N LEU B 26 10.65 -31.10 7.95
CA LEU B 26 11.13 -31.91 6.83
C LEU B 26 9.99 -32.58 6.10
N LYS B 27 8.87 -32.82 6.79
CA LYS B 27 7.68 -33.35 6.14
C LYS B 27 6.99 -32.29 5.29
N GLY B 28 7.20 -31.02 5.60
CA GLY B 28 6.59 -29.94 4.85
C GLY B 28 7.38 -29.52 3.63
N VAL B 29 8.71 -29.58 3.73
CA VAL B 29 9.56 -29.26 2.58
C VAL B 29 9.36 -30.30 1.48
N ALA B 30 9.15 -31.56 1.86
CA ALA B 30 8.91 -32.61 0.87
C ALA B 30 7.58 -32.43 0.15
N ASN B 31 6.69 -31.59 0.68
CA ASN B 31 5.42 -31.28 0.04
C ASN B 31 5.60 -30.02 -0.78
N PRO B 32 5.70 -30.10 -2.10
CA PRO B 32 5.97 -28.90 -2.91
C PRO B 32 4.81 -27.92 -2.94
N ALA B 33 3.62 -28.30 -2.49
CA ALA B 33 2.50 -27.37 -2.45
C ALA B 33 2.57 -26.41 -1.28
N GLU B 34 3.61 -26.49 -0.45
CA GLU B 34 3.73 -25.70 0.76
C GLU B 34 5.06 -24.95 0.76
N GLN B 35 5.24 -24.12 1.77
CA GLN B 35 6.50 -23.41 2.02
C GLN B 35 6.54 -23.13 3.52
N VAL B 36 7.15 -24.07 4.27
CA VAL B 36 7.18 -23.97 5.73
C VAL B 36 8.38 -23.20 6.25
N LEU B 37 9.33 -22.82 5.39
CA LEU B 37 10.46 -22.02 5.77
C LEU B 37 10.60 -20.86 4.80
N GLN B 38 11.17 -19.75 5.27
CA GLN B 38 11.48 -18.65 4.37
C GLN B 38 12.48 -19.06 3.31
N THR B 39 13.24 -20.12 3.57
CA THR B 39 14.30 -20.59 2.70
C THR B 39 13.85 -21.74 1.81
N VAL B 40 12.55 -22.03 1.80
CA VAL B 40 11.96 -23.19 1.14
C VAL B 40 12.45 -24.48 1.79
N ASP B 41 13.74 -24.79 1.66
CA ASP B 41 14.29 -25.99 2.27
C ASP B 41 15.39 -25.63 3.26
N TYR B 42 15.75 -26.62 4.09
CA TYR B 42 16.84 -26.44 5.03
C TYR B 42 18.15 -26.12 4.31
N ALA B 43 18.36 -26.68 3.13
CA ALA B 43 19.60 -26.48 2.40
C ALA B 43 19.71 -25.10 1.76
N ASN B 44 18.69 -24.25 1.92
CA ASN B 44 18.69 -22.88 1.41
C ASN B 44 18.84 -22.83 -0.10
N THR B 45 18.32 -23.85 -0.79
CA THR B 45 18.47 -23.91 -2.24
C THR B 45 17.49 -23.00 -2.97
N ARG B 46 16.35 -22.67 -2.35
CA ARG B 46 15.31 -21.85 -2.97
C ARG B 46 14.88 -22.46 -4.31
N TYR B 47 14.64 -23.77 -4.29
CA TYR B 47 14.27 -24.53 -5.47
C TYR B 47 13.02 -25.33 -5.17
N SER B 48 11.96 -25.09 -5.94
CA SER B 48 10.71 -25.81 -5.79
C SER B 48 10.59 -26.86 -6.88
N LYS B 49 10.10 -28.04 -6.51
CA LYS B 49 9.91 -29.12 -7.47
C LYS B 49 8.70 -28.90 -8.37
N LEU B 50 7.90 -27.87 -8.10
CA LEU B 50 6.74 -27.57 -8.94
C LEU B 50 7.17 -27.18 -10.34
N ASP B 51 6.53 -27.77 -11.35
CA ASP B 51 6.87 -27.50 -12.75
C ASP B 51 5.60 -27.34 -13.57
N GLN B 52 4.56 -26.77 -12.97
CA GLN B 52 3.35 -26.42 -13.72
C GLN B 52 3.58 -25.16 -14.53
N ILE B 53 4.20 -24.15 -13.93
CA ILE B 53 4.68 -22.98 -14.65
C ILE B 53 6.10 -23.30 -15.10
N ASN B 54 6.29 -23.49 -16.40
CA ASN B 54 7.59 -23.82 -16.96
C ASN B 54 8.02 -22.74 -17.94
N ALA B 55 9.16 -22.98 -18.60
CA ALA B 55 9.73 -21.99 -19.50
C ALA B 55 8.88 -21.81 -20.76
N SER B 56 7.97 -22.73 -21.05
CA SER B 56 7.15 -22.66 -22.25
C SER B 56 5.81 -21.99 -22.02
N ASN B 57 5.39 -21.81 -20.76
CA ASN B 57 4.10 -21.20 -20.47
C ASN B 57 4.17 -19.99 -19.54
N VAL B 58 5.35 -19.64 -19.04
CA VAL B 58 5.45 -18.56 -18.07
C VAL B 58 5.16 -17.21 -18.70
N LYS B 59 5.22 -17.11 -20.02
CA LYS B 59 4.79 -15.88 -20.68
C LYS B 59 3.30 -15.64 -20.50
N ASN B 60 2.52 -16.70 -20.33
CA ASN B 60 1.08 -16.59 -20.14
C ASN B 60 0.68 -16.36 -18.69
N LEU B 61 1.65 -16.07 -17.82
CA LEU B 61 1.36 -15.89 -16.40
C LEU B 61 0.55 -14.61 -16.21
N GLN B 62 -0.50 -14.69 -15.39
CA GLN B 62 -1.37 -13.56 -15.12
C GLN B 62 -1.58 -13.44 -13.61
N VAL B 63 -2.05 -12.27 -13.19
CA VAL B 63 -2.28 -12.03 -11.78
C VAL B 63 -3.57 -12.72 -11.36
N ALA B 64 -3.48 -13.54 -10.31
CA ALA B 64 -4.65 -14.25 -9.79
C ALA B 64 -5.41 -13.39 -8.77
N TRP B 65 -4.71 -12.89 -7.76
CA TRP B 65 -5.31 -12.02 -6.76
C TRP B 65 -4.19 -11.29 -6.03
N THR B 66 -4.56 -10.22 -5.33
CA THR B 66 -3.62 -9.39 -4.61
C THR B 66 -4.15 -9.13 -3.20
N PHE B 67 -3.24 -8.71 -2.32
CA PHE B 67 -3.56 -8.52 -0.92
C PHE B 67 -2.62 -7.47 -0.35
N SER B 68 -3.18 -6.42 0.23
CA SER B 68 -2.39 -5.34 0.81
C SER B 68 -2.25 -5.57 2.31
N THR B 69 -1.08 -5.22 2.85
CA THR B 69 -0.75 -5.51 4.23
C THR B 69 -1.06 -4.37 5.18
N GLY B 70 -1.39 -3.18 4.68
CA GLY B 70 -1.65 -2.05 5.53
C GLY B 70 -0.43 -1.41 6.14
N VAL B 71 0.76 -1.93 5.84
CA VAL B 71 2.01 -1.44 6.41
C VAL B 71 2.87 -0.88 5.30
N LEU B 72 3.55 0.24 5.58
CA LEU B 72 4.42 0.85 4.61
C LEU B 72 5.87 0.40 4.86
N ARG B 73 6.83 1.13 4.28
CA ARG B 73 8.25 0.79 4.34
C ARG B 73 8.53 -0.56 3.71
N GLY B 74 9.70 -1.14 3.99
CA GLY B 74 10.17 -2.29 3.21
C GLY B 74 9.55 -3.61 3.62
N HIS B 75 9.13 -4.38 2.61
CA HIS B 75 8.54 -5.70 2.80
C HIS B 75 9.54 -6.75 2.30
N GLU B 76 10.22 -7.40 3.22
CA GLU B 76 11.14 -8.48 2.87
C GLU B 76 10.54 -9.82 3.24
N GLY B 77 11.22 -10.87 2.81
CA GLY B 77 10.74 -12.22 3.05
C GLY B 77 9.71 -12.66 2.03
N SER B 78 8.92 -13.65 2.44
CA SER B 78 7.88 -14.22 1.60
C SER B 78 6.82 -14.82 2.50
N PRO B 79 5.58 -14.89 2.05
CA PRO B 79 4.55 -15.54 2.87
C PRO B 79 4.75 -17.05 2.93
N LEU B 80 4.24 -17.64 4.00
CA LEU B 80 4.26 -19.08 4.18
C LEU B 80 2.90 -19.67 3.81
N VAL B 81 2.91 -20.91 3.32
CA VAL B 81 1.70 -21.63 2.97
C VAL B 81 1.76 -22.99 3.64
N VAL B 82 0.98 -23.16 4.71
CA VAL B 82 0.84 -24.45 5.39
C VAL B 82 -0.60 -24.91 5.19
N GLY B 83 -0.77 -26.04 4.50
CA GLY B 83 -2.11 -26.50 4.20
C GLY B 83 -2.81 -25.54 3.25
N ASN B 84 -4.01 -25.13 3.64
CA ASN B 84 -4.80 -24.18 2.86
C ASN B 84 -4.73 -22.77 3.44
N ILE B 85 -3.79 -22.50 4.34
CA ILE B 85 -3.68 -21.22 5.01
C ILE B 85 -2.37 -20.57 4.60
N MET B 86 -2.43 -19.31 4.19
CA MET B 86 -1.26 -18.52 3.85
C MET B 86 -1.01 -17.52 4.98
N TYR B 87 0.23 -17.45 5.44
CA TYR B 87 0.62 -16.55 6.52
C TYR B 87 1.50 -15.44 5.95
N VAL B 88 1.08 -14.20 6.14
CA VAL B 88 1.78 -13.04 5.60
C VAL B 88 2.23 -12.17 6.76
N HIS B 89 3.50 -11.81 6.77
CA HIS B 89 4.09 -10.94 7.78
C HIS B 89 4.38 -9.58 7.17
N THR B 90 4.48 -8.58 8.04
CA THR B 90 4.73 -7.21 7.59
C THR B 90 5.97 -6.66 8.27
N PRO B 91 6.50 -5.51 7.81
CA PRO B 91 7.51 -4.81 8.61
C PRO B 91 6.92 -4.27 9.90
N PHE B 92 7.67 -3.42 10.61
CA PHE B 92 7.21 -2.90 11.88
C PHE B 92 5.80 -2.31 11.74
N PRO B 93 4.89 -2.62 12.67
CA PRO B 93 5.12 -3.37 13.92
C PRO B 93 5.01 -4.89 13.81
N ASN B 94 5.28 -5.45 12.62
CA ASN B 94 5.33 -6.90 12.39
C ASN B 94 3.98 -7.56 12.68
N ILE B 95 3.01 -7.23 11.84
CA ILE B 95 1.69 -7.85 11.90
C ILE B 95 1.73 -9.17 11.13
N VAL B 96 1.01 -10.18 11.63
CA VAL B 96 0.93 -11.48 10.98
C VAL B 96 -0.52 -11.73 10.59
N TYR B 97 -0.78 -11.81 9.29
CA TYR B 97 -2.10 -12.17 8.78
C TYR B 97 -2.16 -13.65 8.45
N ALA B 98 -3.37 -14.20 8.56
CA ALA B 98 -3.64 -15.60 8.21
C ALA B 98 -4.77 -15.62 7.19
N LEU B 99 -4.43 -15.86 5.92
CA LEU B 99 -5.40 -15.86 4.84
C LEU B 99 -5.86 -17.28 4.55
N ASP B 100 -7.19 -17.48 4.56
CA ASP B 100 -7.79 -18.76 4.19
C ASP B 100 -7.88 -18.84 2.67
N LEU B 101 -6.93 -19.55 2.06
CA LEU B 101 -6.95 -19.69 0.60
C LEU B 101 -8.19 -20.43 0.11
N ASP B 102 -8.84 -21.22 0.96
CA ASP B 102 -10.10 -21.84 0.58
C ASP B 102 -11.23 -20.82 0.55
N GLN B 103 -11.25 -19.91 1.51
CA GLN B 103 -12.33 -18.93 1.64
C GLN B 103 -12.00 -17.60 0.96
N GLY B 104 -11.41 -17.66 -0.23
CA GLY B 104 -11.13 -16.46 -1.01
C GLY B 104 -10.14 -15.51 -0.38
N ALA B 105 -9.11 -16.04 0.29
CA ALA B 105 -8.06 -15.24 0.93
C ALA B 105 -8.63 -14.32 2.01
N LYS B 106 -9.64 -14.82 2.72
CA LYS B 106 -10.18 -14.09 3.87
C LYS B 106 -9.22 -14.19 5.05
N ILE B 107 -9.17 -13.12 5.84
CA ILE B 107 -8.33 -13.10 7.03
C ILE B 107 -9.06 -13.83 8.15
N VAL B 108 -8.57 -15.02 8.52
CA VAL B 108 -9.23 -15.78 9.57
C VAL B 108 -8.75 -15.33 10.95
N TRP B 109 -7.47 -14.99 11.09
CA TRP B 109 -7.00 -14.39 12.32
C TRP B 109 -5.82 -13.47 12.03
N LYS B 110 -5.65 -12.46 12.87
CA LYS B 110 -4.63 -11.44 12.74
C LYS B 110 -3.94 -11.26 14.09
N TYR B 111 -2.63 -11.05 14.06
CA TYR B 111 -1.86 -10.80 15.28
C TYR B 111 -1.16 -9.44 15.15
N GLU B 112 -1.61 -8.47 15.95
CA GLU B 112 -1.02 -7.14 15.96
C GLU B 112 -0.27 -6.92 17.27
N PRO B 113 1.05 -7.11 17.30
CA PRO B 113 1.78 -6.97 18.57
C PRO B 113 2.02 -5.52 18.93
N LYS B 114 2.03 -5.27 20.24
CA LYS B 114 2.31 -3.93 20.75
C LYS B 114 3.81 -3.82 21.01
N GLN B 115 4.46 -2.88 20.33
CA GLN B 115 5.89 -2.68 20.42
C GLN B 115 6.18 -1.20 20.62
N ASP B 116 7.32 -0.91 21.24
CA ASP B 116 7.71 0.47 21.50
C ASP B 116 8.21 1.11 20.20
N PRO B 117 7.58 2.19 19.72
CA PRO B 117 8.06 2.83 18.49
C PRO B 117 9.45 3.43 18.60
N SER B 118 9.99 3.59 19.82
CA SER B 118 11.39 3.93 20.02
C SER B 118 12.35 2.89 19.44
N VAL B 119 11.84 1.71 19.07
CA VAL B 119 12.72 0.67 18.55
C VAL B 119 13.11 0.93 17.10
N ILE B 120 12.37 1.79 16.40
CA ILE B 120 12.63 2.09 14.99
C ILE B 120 13.96 2.82 14.80
N PRO B 121 14.24 3.90 15.55
CA PRO B 121 15.52 4.60 15.32
C PRO B 121 16.76 3.78 15.68
N VAL B 122 16.61 2.69 16.44
CA VAL B 122 17.77 1.87 16.80
C VAL B 122 17.89 0.71 15.82
N MET B 123 17.28 0.87 14.65
CA MET B 123 17.39 -0.11 13.57
C MET B 123 18.38 0.39 12.52
N CYS B 124 19.31 -0.49 12.14
CA CYS B 124 20.29 -0.17 11.10
C CYS B 124 19.65 0.48 9.89
N CYS B 125 18.72 -0.24 9.26
CA CYS B 125 18.37 0.02 7.87
C CYS B 125 16.94 -0.44 7.61
N ASP B 126 15.99 0.46 7.91
CA ASP B 126 14.56 0.23 7.65
C ASP B 126 13.95 -0.79 8.61
N THR B 127 12.61 -0.78 8.67
CA THR B 127 11.83 -1.59 9.59
C THR B 127 11.60 -3.02 9.11
N VAL B 128 12.54 -3.58 8.35
CA VAL B 128 12.25 -4.82 7.63
C VAL B 128 12.20 -6.00 8.60
N ASN B 129 11.46 -7.03 8.20
CA ASN B 129 11.43 -8.30 8.89
C ASN B 129 11.40 -9.39 7.84
N ARG B 130 12.21 -10.43 8.01
CA ARG B 130 12.49 -11.38 6.94
C ARG B 130 11.67 -12.66 7.02
N GLY B 131 10.57 -12.67 7.77
CA GLY B 131 9.59 -13.72 7.65
C GLY B 131 9.43 -14.55 8.91
N LEU B 132 8.61 -15.58 8.79
CA LEU B 132 8.26 -16.48 9.88
C LEU B 132 8.79 -17.87 9.59
N ALA B 133 8.36 -18.84 10.40
CA ALA B 133 8.69 -20.25 10.19
C ALA B 133 7.62 -21.09 10.85
N TYR B 134 7.37 -22.26 10.26
CA TYR B 134 6.35 -23.18 10.76
C TYR B 134 7.01 -24.38 11.40
N ALA B 135 6.47 -24.80 12.55
CA ALA B 135 6.98 -25.99 13.23
C ALA B 135 5.95 -26.46 14.25
N ASP B 136 5.54 -27.72 14.12
CA ASP B 136 4.67 -28.38 15.10
C ASP B 136 3.40 -27.55 15.37
N GLY B 137 2.74 -27.13 14.29
CA GLY B 137 1.49 -26.42 14.41
C GLY B 137 1.59 -25.02 14.97
N ALA B 138 2.77 -24.41 14.94
CA ALA B 138 2.96 -23.06 15.45
C ALA B 138 3.62 -22.18 14.39
N ILE B 139 3.29 -20.89 14.43
CA ILE B 139 3.93 -19.89 13.60
C ILE B 139 4.89 -19.09 14.48
N LEU B 140 6.19 -19.17 14.17
CA LEU B 140 7.22 -18.53 14.97
C LEU B 140 7.51 -17.13 14.45
N LEU B 141 7.27 -16.12 15.28
CA LEU B 141 7.50 -14.72 14.91
C LEU B 141 8.62 -14.14 15.76
N HIS B 142 9.56 -13.46 15.10
CA HIS B 142 10.66 -12.76 15.77
C HIS B 142 10.49 -11.26 15.49
N GLN B 143 9.94 -10.54 16.46
CA GLN B 143 9.62 -9.13 16.28
C GLN B 143 10.88 -8.28 16.22
N ALA B 144 10.71 -7.03 15.80
CA ALA B 144 11.83 -6.10 15.71
C ALA B 144 12.42 -5.79 17.09
N ASP B 145 11.61 -5.85 18.14
CA ASP B 145 12.06 -5.60 19.50
C ASP B 145 12.70 -6.81 20.16
N THR B 146 13.16 -7.78 19.36
CA THR B 146 13.82 -9.00 19.86
C THR B 146 12.88 -9.85 20.73
N THR B 147 11.61 -9.93 20.31
CA THR B 147 10.62 -10.74 21.01
C THR B 147 10.25 -11.92 20.12
N LEU B 148 10.50 -13.12 20.61
CA LEU B 148 10.13 -14.34 19.89
C LEU B 148 8.77 -14.79 20.38
N VAL B 149 7.81 -14.91 19.46
CA VAL B 149 6.43 -15.23 19.79
C VAL B 149 6.04 -16.52 19.06
N SER B 150 5.37 -17.42 19.78
CA SER B 150 4.86 -18.67 19.24
C SER B 150 3.35 -18.54 19.11
N LEU B 151 2.87 -18.44 17.88
CA LEU B 151 1.44 -18.33 17.60
C LEU B 151 0.90 -19.67 17.09
N ASP B 152 -0.28 -20.04 17.57
CA ASP B 152 -0.96 -21.21 17.03
C ASP B 152 -1.31 -20.99 15.56
N ALA B 153 -1.03 -22.00 14.74
CA ALA B 153 -1.19 -21.83 13.29
C ALA B 153 -2.65 -21.70 12.91
N LYS B 154 -3.56 -22.31 13.67
CA LYS B 154 -4.98 -22.31 13.30
C LYS B 154 -5.79 -21.24 14.02
N SER B 155 -5.28 -20.65 15.09
CA SER B 155 -6.02 -19.63 15.83
C SER B 155 -5.25 -18.36 16.12
N GLY B 156 -3.91 -18.38 16.08
CA GLY B 156 -3.15 -17.19 16.42
C GLY B 156 -2.98 -16.92 17.89
N LYS B 157 -3.47 -17.79 18.76
CA LYS B 157 -3.30 -17.60 20.19
C LYS B 157 -1.82 -17.70 20.56
N VAL B 158 -1.43 -16.91 21.56
CA VAL B 158 -0.02 -16.85 21.97
C VAL B 158 0.32 -18.09 22.78
N ASN B 159 1.29 -18.86 22.30
CA ASN B 159 1.80 -19.97 23.08
C ASN B 159 2.82 -19.50 24.11
N TRP B 160 3.78 -18.68 23.69
CA TRP B 160 4.72 -18.11 24.64
C TRP B 160 5.45 -16.94 24.00
N SER B 161 5.90 -16.02 24.84
CA SER B 161 6.72 -14.88 24.42
C SER B 161 8.00 -14.87 25.22
N VAL B 162 9.11 -14.66 24.53
CA VAL B 162 10.40 -14.52 25.20
C VAL B 162 11.19 -13.44 24.47
N LYS B 163 11.84 -12.57 25.25
CA LYS B 163 12.65 -11.49 24.70
C LYS B 163 14.10 -11.95 24.59
N ASN B 164 14.66 -11.86 23.37
CA ASN B 164 16.02 -12.30 23.11
C ASN B 164 17.06 -11.22 23.40
N GLY B 165 16.66 -9.96 23.37
CA GLY B 165 17.57 -8.87 23.68
C GLY B 165 16.85 -7.65 24.21
N ASP B 166 17.56 -6.54 24.32
CA ASP B 166 16.98 -5.28 24.81
C ASP B 166 17.27 -4.19 23.79
N PRO B 167 16.26 -3.70 23.07
CA PRO B 167 16.50 -2.59 22.14
C PRO B 167 16.98 -1.33 22.84
N SER B 168 16.79 -1.22 24.15
CA SER B 168 17.41 -0.15 24.92
C SER B 168 18.91 -0.09 24.68
N LYS B 169 19.55 -1.25 24.53
CA LYS B 169 20.98 -1.34 24.31
C LYS B 169 21.35 -1.29 22.83
N GLY B 170 20.37 -1.10 21.94
CA GLY B 170 20.62 -1.11 20.52
C GLY B 170 20.52 -2.48 19.87
N GLU B 171 19.68 -3.36 20.40
CA GLU B 171 19.55 -4.73 19.91
C GLU B 171 18.18 -4.88 19.25
N THR B 172 18.17 -5.09 17.94
CA THR B 172 16.96 -5.33 17.17
C THR B 172 17.06 -6.71 16.52
N ASN B 173 16.02 -7.06 15.77
CA ASN B 173 16.04 -8.27 14.95
C ASN B 173 15.30 -8.00 13.65
N THR B 174 15.92 -8.38 12.54
CA THR B 174 15.28 -8.33 11.24
C THR B 174 15.18 -9.69 10.56
N ALA B 175 15.90 -10.69 11.06
CA ALA B 175 15.96 -11.98 10.40
C ALA B 175 14.82 -12.89 10.85
N THR B 176 14.72 -14.03 10.18
CA THR B 176 13.76 -15.06 10.54
C THR B 176 14.41 -16.04 11.52
N VAL B 177 13.64 -17.02 11.96
CA VAL B 177 14.12 -18.02 12.89
C VAL B 177 14.32 -19.34 12.14
N LEU B 178 15.00 -20.27 12.78
CA LEU B 178 15.25 -21.60 12.21
C LEU B 178 14.82 -22.67 13.20
N PRO B 179 13.79 -23.45 12.90
CA PRO B 179 13.41 -24.54 13.81
C PRO B 179 14.12 -25.84 13.46
N VAL B 180 14.86 -26.39 14.42
CA VAL B 180 15.59 -27.65 14.24
C VAL B 180 15.25 -28.56 15.41
N LYS B 181 14.70 -29.74 15.11
CA LYS B 181 14.28 -30.70 16.12
C LYS B 181 13.36 -30.06 17.15
N ASP B 182 13.75 -30.06 18.42
CA ASP B 182 12.93 -29.51 19.49
C ASP B 182 13.29 -28.07 19.81
N LYS B 183 14.19 -27.46 19.04
CA LYS B 183 14.67 -26.12 19.32
C LYS B 183 14.43 -25.20 18.13
N VAL B 184 14.45 -23.91 18.42
CA VAL B 184 14.39 -22.86 17.41
C VAL B 184 15.58 -21.94 17.63
N ILE B 185 16.38 -21.73 16.59
CA ILE B 185 17.58 -20.92 16.67
C ILE B 185 17.29 -19.55 16.05
N VAL B 186 17.60 -18.48 16.79
CA VAL B 186 17.27 -17.13 16.38
C VAL B 186 18.52 -16.27 16.34
N GLY B 187 18.45 -15.19 15.57
CA GLY B 187 19.54 -14.25 15.43
C GLY B 187 19.23 -12.90 16.07
N ILE B 188 20.22 -12.02 16.01
CA ILE B 188 20.12 -10.69 16.60
C ILE B 188 20.85 -9.70 15.71
N SER B 189 20.31 -8.48 15.65
CA SER B 189 20.90 -7.39 14.88
C SER B 189 21.53 -6.36 15.82
N GLY B 190 22.36 -5.50 15.24
CA GLY B 190 23.00 -4.45 16.01
C GLY B 190 24.48 -4.28 15.71
N GLY B 191 24.92 -4.72 14.54
CA GLY B 191 26.32 -4.55 14.17
C GLY B 191 26.75 -3.10 14.09
N GLU B 192 25.82 -2.19 13.80
CA GLU B 192 26.11 -0.77 13.76
C GLU B 192 25.81 -0.07 15.07
N PHE B 193 25.54 -0.82 16.14
CA PHE B 193 25.22 -0.25 17.44
C PHE B 193 26.09 -0.86 18.55
N GLY B 194 27.28 -1.33 18.19
CA GLY B 194 28.20 -1.88 19.16
C GLY B 194 27.64 -3.01 19.99
N VAL B 195 26.92 -3.93 19.36
CA VAL B 195 26.26 -5.03 20.05
C VAL B 195 27.16 -6.25 20.02
N GLN B 196 27.40 -6.85 21.18
CA GLN B 196 27.98 -8.19 21.20
C GLN B 196 26.90 -9.18 20.79
N CYS B 197 26.85 -9.49 19.50
CA CYS B 197 25.75 -10.27 18.96
C CYS B 197 26.02 -11.76 19.16
N HIS B 198 25.04 -12.59 18.81
CA HIS B 198 25.04 -13.99 19.23
C HIS B 198 23.96 -14.72 18.45
N VAL B 199 23.83 -16.01 18.73
CA VAL B 199 22.72 -16.83 18.24
C VAL B 199 22.22 -17.65 19.40
N THR B 200 20.90 -17.77 19.53
CA THR B 200 20.27 -18.38 20.69
C THR B 200 19.26 -19.44 20.25
N ALA B 201 19.27 -20.57 20.94
CA ALA B 201 18.33 -21.65 20.68
C ALA B 201 17.31 -21.72 21.82
N TYR B 202 16.04 -21.77 21.46
CA TYR B 202 14.94 -21.83 22.42
C TYR B 202 14.15 -23.12 22.22
N ASP B 203 13.53 -23.59 23.29
CA ASP B 203 12.71 -24.80 23.20
C ASP B 203 11.37 -24.49 22.53
N LEU B 204 10.93 -25.38 21.65
CA LEU B 204 9.71 -25.13 20.88
C LEU B 204 8.47 -25.14 21.76
N LYS B 205 8.40 -26.07 22.72
CA LYS B 205 7.17 -26.25 23.48
C LYS B 205 7.05 -25.26 24.64
N SER B 206 8.17 -24.76 25.16
CA SER B 206 8.13 -23.90 26.34
C SER B 206 8.71 -22.52 26.12
N GLY B 207 9.65 -22.34 25.18
CA GLY B 207 10.30 -21.06 25.02
C GLY B 207 11.46 -20.82 25.95
N LYS B 208 11.94 -21.85 26.64
CA LYS B 208 13.08 -21.71 27.54
C LYS B 208 14.38 -21.61 26.74
N LYS B 209 15.31 -20.79 27.23
CA LYS B 209 16.62 -20.68 26.61
C LYS B 209 17.39 -21.98 26.78
N VAL B 210 17.96 -22.49 25.68
CA VAL B 210 18.72 -23.73 25.71
C VAL B 210 20.22 -23.40 25.68
N TRP B 211 20.68 -22.83 24.57
CA TRP B 211 22.07 -22.41 24.44
C TRP B 211 22.13 -21.10 23.68
N ARG B 212 23.18 -20.32 23.96
CA ARG B 212 23.41 -19.03 23.31
C ARG B 212 24.87 -18.97 22.87
N GLY B 213 25.10 -19.01 21.56
CA GLY B 213 26.45 -18.97 21.04
C GLY B 213 26.86 -17.62 20.49
N TYR B 214 27.68 -16.90 21.25
CA TYR B 214 28.16 -15.59 20.81
C TYR B 214 29.11 -15.75 19.64
N SER B 215 29.16 -14.73 18.78
CA SER B 215 30.07 -14.78 17.64
C SER B 215 31.49 -14.35 18.01
N ILE B 216 31.66 -13.60 19.09
CA ILE B 216 32.97 -13.09 19.48
C ILE B 216 33.05 -13.09 21.00
N GLY B 217 34.25 -13.31 21.51
CA GLY B 217 34.49 -13.29 22.95
C GLY B 217 35.17 -14.55 23.44
N PRO B 218 35.14 -14.78 24.75
CA PRO B 218 35.79 -15.97 25.30
C PRO B 218 35.11 -17.25 24.85
N ASP B 219 35.85 -18.36 25.00
CA ASP B 219 35.44 -19.62 24.40
C ASP B 219 34.17 -20.17 25.01
N ASP B 220 33.89 -19.88 26.29
CA ASP B 220 32.64 -20.35 26.88
C ASP B 220 31.44 -19.66 26.27
N GLN B 221 31.59 -18.38 25.90
CA GLN B 221 30.51 -17.64 25.25
C GLN B 221 30.38 -18.02 23.78
N LEU B 222 31.47 -18.44 23.15
CA LEU B 222 31.42 -18.90 21.77
C LEU B 222 30.84 -20.30 21.65
N ILE B 223 30.88 -21.09 22.73
CA ILE B 223 30.61 -22.52 22.70
C ILE B 223 31.54 -23.13 21.67
N VAL B 224 32.82 -23.18 22.01
CA VAL B 224 33.88 -23.60 21.12
C VAL B 224 34.73 -24.66 21.82
N ASP B 225 35.02 -25.75 21.13
CA ASP B 225 36.03 -26.70 21.59
C ASP B 225 37.38 -26.22 21.06
N PRO B 226 38.26 -25.68 21.89
CA PRO B 226 39.52 -25.12 21.38
C PRO B 226 40.43 -26.15 20.73
N GLU B 227 40.27 -27.43 21.07
CA GLU B 227 41.10 -28.48 20.49
C GLU B 227 40.41 -29.27 19.38
N LYS B 228 39.08 -29.17 19.25
CA LYS B 228 38.33 -29.94 18.26
C LYS B 228 37.68 -29.08 17.19
N THR B 229 37.45 -27.80 17.44
CA THR B 229 36.90 -26.91 16.42
C THR B 229 38.01 -26.50 15.46
N THR B 230 37.82 -26.78 14.18
CA THR B 230 38.84 -26.61 13.17
C THR B 230 38.56 -25.38 12.31
N SER B 231 39.61 -24.62 11.99
CA SER B 231 39.56 -23.58 10.98
C SER B 231 40.66 -23.86 9.97
N LEU B 232 40.27 -23.97 8.69
CA LEU B 232 41.19 -24.34 7.62
C LEU B 232 41.89 -25.67 7.91
N GLY B 233 41.14 -26.60 8.53
CA GLY B 233 41.61 -27.93 8.78
C GLY B 233 42.37 -28.13 10.08
N LYS B 234 42.87 -27.07 10.68
CA LYS B 234 43.65 -27.20 11.91
C LYS B 234 42.87 -26.62 13.09
N PRO B 235 43.09 -27.12 14.30
CA PRO B 235 42.35 -26.61 15.47
C PRO B 235 42.59 -25.11 15.68
N ILE B 236 41.56 -24.44 16.18
CA ILE B 236 41.64 -22.99 16.37
C ILE B 236 42.39 -22.60 17.64
N GLY B 237 42.50 -23.50 18.61
CA GLY B 237 43.22 -23.20 19.83
C GLY B 237 42.40 -22.39 20.83
N LYS B 238 43.02 -22.18 21.99
CA LYS B 238 42.36 -21.47 23.08
C LYS B 238 42.33 -19.97 22.83
N ASP B 239 41.27 -19.34 23.33
CA ASP B 239 41.00 -17.91 23.16
C ASP B 239 41.24 -17.48 21.71
N SER B 240 40.58 -18.17 20.78
CA SER B 240 40.74 -17.87 19.37
C SER B 240 40.24 -16.47 19.03
N SER B 241 39.22 -16.00 19.75
CA SER B 241 38.64 -14.68 19.48
C SER B 241 39.22 -13.59 20.39
N LEU B 242 39.56 -13.94 21.63
CA LEU B 242 40.12 -12.95 22.54
C LEU B 242 41.48 -12.46 22.06
N LYS B 243 42.27 -13.35 21.45
CA LYS B 243 43.59 -12.98 20.99
C LYS B 243 43.56 -12.13 19.72
N THR B 244 42.38 -11.90 19.13
CA THR B 244 42.24 -11.05 17.97
C THR B 244 41.51 -9.76 18.28
N TRP B 245 41.27 -9.46 19.56
CA TRP B 245 40.62 -8.22 19.97
C TRP B 245 41.48 -7.52 21.00
N GLU B 246 41.37 -6.19 21.02
CA GLU B 246 42.15 -5.35 21.94
C GLU B 246 41.34 -5.15 23.21
N GLY B 247 41.89 -5.60 24.34
CA GLY B 247 41.21 -5.40 25.62
C GLY B 247 39.81 -5.98 25.62
N ASP B 248 38.87 -5.22 26.17
CA ASP B 248 37.47 -5.61 26.28
C ASP B 248 36.63 -5.07 25.13
N GLN B 249 37.23 -4.87 23.95
CA GLN B 249 36.47 -4.38 22.81
C GLN B 249 35.58 -5.44 22.18
N TRP B 250 35.78 -6.71 22.52
CA TRP B 250 34.86 -7.74 22.09
C TRP B 250 33.51 -7.63 22.78
N LYS B 251 33.45 -6.99 23.96
CA LYS B 251 32.16 -6.75 24.58
C LYS B 251 31.28 -5.83 23.73
N THR B 252 31.88 -5.01 22.88
CA THR B 252 31.16 -4.16 21.94
C THR B 252 31.61 -4.46 20.52
N GLY B 253 31.63 -5.74 20.13
CA GLY B 253 32.34 -6.16 18.95
C GLY B 253 31.55 -6.60 17.73
N GLY B 254 30.23 -6.47 17.74
CA GLY B 254 29.48 -6.75 16.53
C GLY B 254 29.45 -8.22 16.20
N GLY B 255 29.70 -8.53 14.92
CA GLY B 255 29.59 -9.90 14.45
C GLY B 255 28.17 -10.39 14.56
N CYS B 256 27.23 -9.66 13.96
CA CYS B 256 25.82 -9.95 14.16
C CYS B 256 25.33 -11.03 13.19
N THR B 257 24.08 -11.47 13.42
CA THR B 257 23.58 -12.71 12.83
C THR B 257 22.15 -12.48 12.32
N TRP B 258 22.04 -11.66 11.28
CA TRP B 258 20.75 -11.27 10.73
C TRP B 258 20.49 -11.88 9.36
N GLY B 259 21.30 -12.84 8.94
CA GLY B 259 21.15 -13.48 7.65
C GLY B 259 20.21 -14.67 7.67
N TRP B 260 20.49 -15.63 6.80
CA TRP B 260 19.69 -16.84 6.67
C TRP B 260 20.44 -18.04 7.23
N PHE B 261 19.69 -18.96 7.82
CA PHE B 261 20.25 -20.15 8.46
C PHE B 261 19.97 -21.38 7.61
N SER B 262 20.95 -22.27 7.52
CA SER B 262 20.82 -23.54 6.82
C SER B 262 21.12 -24.69 7.77
N TYR B 263 20.79 -25.91 7.33
CA TYR B 263 20.87 -27.06 8.21
C TYR B 263 20.96 -28.34 7.38
N ASP B 264 21.85 -29.23 7.77
CA ASP B 264 22.01 -30.54 7.16
C ASP B 264 21.67 -31.63 8.17
N PRO B 265 20.56 -32.36 8.01
CA PRO B 265 20.21 -33.38 9.01
C PRO B 265 21.19 -34.55 9.03
N LYS B 266 21.72 -34.96 7.87
CA LYS B 266 22.64 -36.09 7.83
C LYS B 266 23.97 -35.78 8.51
N LEU B 267 24.28 -34.50 8.70
CA LEU B 267 25.51 -34.09 9.38
C LEU B 267 25.27 -33.53 10.78
N ASP B 268 24.01 -33.26 11.14
CA ASP B 268 23.67 -32.62 12.42
C ASP B 268 24.43 -31.30 12.58
N LEU B 269 24.32 -30.45 11.55
CA LEU B 269 25.04 -29.19 11.51
C LEU B 269 24.13 -28.08 11.03
N MET B 270 24.15 -26.96 11.74
CA MET B 270 23.50 -25.72 11.32
C MET B 270 24.56 -24.72 10.88
N TYR B 271 24.26 -23.92 9.86
CA TYR B 271 25.21 -22.97 9.30
C TYR B 271 24.63 -21.57 9.27
N TYR B 272 25.48 -20.58 9.52
CA TYR B 272 25.09 -19.18 9.43
C TYR B 272 26.36 -18.35 9.26
N GLY B 273 26.17 -17.04 9.20
CA GLY B 273 27.29 -16.13 9.02
C GLY B 273 27.27 -14.98 10.02
N SER B 274 28.45 -14.57 10.45
CA SER B 274 28.59 -13.46 11.39
C SER B 274 28.79 -12.14 10.65
N GLY B 275 28.35 -11.06 11.27
CA GLY B 275 28.35 -9.75 10.67
C GLY B 275 29.64 -8.98 10.88
N ASN B 276 29.53 -7.66 10.70
CA ASN B 276 30.69 -6.79 10.77
C ASN B 276 31.15 -6.61 12.21
N PRO B 277 32.46 -6.46 12.43
CA PRO B 277 32.93 -6.28 13.81
C PRO B 277 32.63 -4.88 14.33
N SER B 278 31.39 -4.64 14.74
CA SER B 278 31.00 -3.42 15.45
C SER B 278 31.24 -2.19 14.60
N THR B 279 32.16 -1.33 15.02
CA THR B 279 32.33 -0.03 14.39
C THR B 279 33.01 -0.18 13.02
N TRP B 280 32.92 0.89 12.24
CA TRP B 280 33.40 0.91 10.88
C TRP B 280 34.78 1.54 10.76
N ASN B 281 35.39 1.95 11.87
CA ASN B 281 36.73 2.49 11.86
C ASN B 281 37.70 1.39 12.29
N PRO B 282 38.48 0.81 11.38
CA PRO B 282 39.31 -0.35 11.75
C PRO B 282 40.56 0.00 12.54
N LYS B 283 40.91 1.28 12.66
CA LYS B 283 42.15 1.63 13.35
C LYS B 283 42.01 1.45 14.85
N GLN B 284 40.85 1.78 15.41
CA GLN B 284 40.62 1.65 16.85
C GLN B 284 40.29 0.23 17.29
N ARG B 285 40.15 -0.73 16.37
CA ARG B 285 39.87 -2.12 16.72
C ARG B 285 40.87 -3.02 15.99
N PRO B 286 42.12 -3.04 16.42
CA PRO B 286 43.14 -3.80 15.71
C PRO B 286 43.07 -5.28 16.02
N GLY B 287 43.43 -6.08 15.03
CA GLY B 287 43.35 -7.53 15.10
C GLY B 287 42.33 -8.09 14.13
N ASP B 288 42.34 -9.42 14.01
CA ASP B 288 41.45 -10.09 13.07
C ASP B 288 39.98 -9.97 13.47
N ASN B 289 39.70 -9.64 14.73
CA ASN B 289 38.33 -9.44 15.20
C ASN B 289 37.48 -10.69 15.00
N LYS B 290 37.99 -11.82 15.46
CA LYS B 290 37.27 -13.09 15.36
C LYS B 290 36.23 -13.17 16.46
N TRP B 291 35.13 -13.87 16.16
CA TRP B 291 34.88 -14.46 14.86
C TRP B 291 33.81 -13.70 14.09
N SER B 292 34.02 -12.40 13.91
CA SER B 292 33.22 -11.64 12.98
C SER B 292 33.56 -12.04 11.55
N MET B 293 32.62 -11.80 10.64
CA MET B 293 32.80 -12.07 9.22
C MET B 293 33.14 -13.53 8.97
N THR B 294 32.35 -14.42 9.58
CA THR B 294 32.73 -15.82 9.69
C THR B 294 31.56 -16.73 9.36
N ILE B 295 31.85 -17.83 8.67
CA ILE B 295 30.89 -18.90 8.43
C ILE B 295 30.97 -19.87 9.60
N TRP B 296 29.85 -20.11 10.25
CA TRP B 296 29.79 -21.00 11.41
C TRP B 296 29.14 -22.32 11.04
N ALA B 297 29.45 -23.35 11.84
CA ALA B 297 28.87 -24.67 11.69
C ALA B 297 28.74 -25.26 13.09
N ARG B 298 27.56 -25.14 13.68
CA ARG B 298 27.32 -25.53 15.06
C ARG B 298 26.40 -26.74 15.12
N ASN B 299 26.41 -27.39 16.28
CA ASN B 299 25.47 -28.46 16.55
C ASN B 299 24.16 -27.87 17.06
N PRO B 300 23.02 -28.25 16.48
CA PRO B 300 21.75 -27.64 16.90
C PRO B 300 21.42 -27.89 18.36
N ASP B 301 21.87 -29.00 18.94
CA ASP B 301 21.48 -29.36 20.30
C ASP B 301 22.35 -28.67 21.34
N THR B 302 23.67 -28.71 21.15
CA THR B 302 24.60 -28.13 22.12
C THR B 302 25.06 -26.74 21.75
N GLY B 303 25.09 -26.41 20.46
CA GLY B 303 25.67 -25.17 19.99
C GLY B 303 27.15 -25.25 19.70
N MET B 304 27.79 -26.39 19.94
CA MET B 304 29.24 -26.52 19.75
C MET B 304 29.58 -26.43 18.27
N ALA B 305 30.43 -25.47 17.92
CA ALA B 305 30.85 -25.32 16.53
C ALA B 305 31.85 -26.41 16.16
N LYS B 306 31.57 -27.14 15.09
CA LYS B 306 32.51 -28.15 14.62
C LYS B 306 33.66 -27.53 13.84
N TRP B 307 33.34 -26.63 12.91
CA TRP B 307 34.35 -25.93 12.14
C TRP B 307 33.92 -24.48 11.95
N VAL B 308 34.87 -23.67 11.48
CA VAL B 308 34.71 -22.22 11.48
C VAL B 308 35.65 -21.64 10.44
N TYR B 309 35.22 -20.57 9.78
CA TYR B 309 36.04 -19.95 8.74
C TYR B 309 35.69 -18.47 8.62
N GLN B 310 36.69 -17.61 8.86
CA GLN B 310 36.52 -16.17 8.71
C GLN B 310 36.83 -15.76 7.27
N MET B 311 35.90 -15.06 6.63
CA MET B 311 36.09 -14.64 5.25
C MET B 311 36.85 -13.32 5.16
N THR B 312 36.41 -12.30 5.90
CA THR B 312 37.01 -10.97 5.88
C THR B 312 37.64 -10.70 7.24
N PRO B 313 38.90 -11.10 7.45
CA PRO B 313 39.55 -10.79 8.73
C PRO B 313 39.84 -9.31 8.83
N HIS B 314 39.62 -8.77 10.04
CA HIS B 314 39.84 -7.35 10.32
C HIS B 314 39.15 -6.48 9.28
N ASP B 315 37.83 -6.51 9.32
CA ASP B 315 37.04 -5.87 8.28
C ASP B 315 37.26 -4.36 8.29
N GLU B 316 37.20 -3.77 7.09
CA GLU B 316 37.36 -2.35 6.91
C GLU B 316 36.27 -1.74 6.03
N TRP B 317 35.24 -2.51 5.67
CA TRP B 317 34.26 -2.04 4.70
C TRP B 317 32.82 -2.41 5.01
N ASP B 318 32.53 -2.98 6.19
CA ASP B 318 31.19 -3.44 6.55
C ASP B 318 30.68 -4.47 5.54
N PHE B 319 31.46 -5.53 5.36
CA PHE B 319 31.15 -6.61 4.43
C PHE B 319 30.49 -7.79 5.14
N ASP B 320 29.32 -7.54 5.73
CA ASP B 320 28.62 -8.50 6.57
C ASP B 320 28.59 -9.90 5.96
N GLY B 321 29.19 -10.85 6.66
CA GLY B 321 29.27 -12.21 6.16
C GLY B 321 28.06 -13.05 6.48
N ILE B 322 26.88 -12.44 6.43
CA ILE B 322 25.66 -13.09 6.88
C ILE B 322 24.88 -13.77 5.77
N ASN B 323 25.34 -13.66 4.52
CA ASN B 323 24.59 -14.18 3.39
C ASN B 323 24.38 -15.68 3.52
N GLU B 324 23.40 -16.18 2.78
CA GLU B 324 22.92 -17.54 2.98
C GLU B 324 24.02 -18.56 2.68
N MET B 325 23.90 -19.74 3.32
CA MET B 325 24.81 -20.85 3.11
C MET B 325 24.03 -21.94 2.38
N ILE B 326 24.19 -21.98 1.06
CA ILE B 326 23.45 -22.90 0.22
C ILE B 326 24.17 -24.24 0.20
N LEU B 327 23.51 -25.29 0.67
CA LEU B 327 24.09 -26.62 0.78
C LEU B 327 23.73 -27.43 -0.45
N THR B 328 24.74 -27.93 -1.14
CA THR B 328 24.54 -28.72 -2.34
C THR B 328 25.38 -30.00 -2.28
N ASP B 329 24.98 -30.97 -3.09
CA ASP B 329 25.70 -32.23 -3.26
C ASP B 329 25.99 -32.36 -4.75
N GLN B 330 27.17 -31.89 -5.16
CA GLN B 330 27.57 -31.90 -6.56
C GLN B 330 28.85 -32.71 -6.71
N LYS B 331 29.22 -32.97 -7.95
CA LYS B 331 30.45 -33.70 -8.27
C LYS B 331 31.57 -32.69 -8.45
N PHE B 332 32.49 -32.64 -7.48
CA PHE B 332 33.63 -31.76 -7.50
C PHE B 332 34.87 -32.61 -7.72
N ASP B 333 35.61 -32.34 -8.80
CA ASP B 333 36.69 -33.19 -9.26
C ASP B 333 36.17 -34.59 -9.58
N GLY B 334 34.96 -34.65 -10.12
CA GLY B 334 34.33 -35.91 -10.44
C GLY B 334 33.80 -36.70 -9.26
N LYS B 335 33.87 -36.15 -8.05
CA LYS B 335 33.42 -36.84 -6.85
C LYS B 335 32.29 -36.08 -6.18
N ASP B 336 31.26 -36.81 -5.77
CA ASP B 336 30.09 -36.21 -5.12
C ASP B 336 30.47 -35.73 -3.73
N ARG B 337 30.47 -34.40 -3.54
CA ARG B 337 30.89 -33.78 -2.30
C ARG B 337 29.73 -33.03 -1.64
N PRO B 338 29.63 -33.05 -0.31
CA PRO B 338 28.66 -32.18 0.37
C PRO B 338 29.15 -30.74 0.44
N LEU B 339 28.61 -29.87 -0.40
CA LEU B 339 29.15 -28.55 -0.59
C LEU B 339 28.40 -27.49 0.23
N LEU B 340 29.00 -26.30 0.27
CA LEU B 340 28.41 -25.13 0.92
C LEU B 340 28.87 -23.94 0.12
N THR B 341 27.97 -23.33 -0.63
CA THR B 341 28.28 -22.19 -1.47
C THR B 341 27.72 -20.92 -0.84
N HIS B 342 28.50 -19.84 -0.91
CA HIS B 342 28.17 -18.60 -0.22
C HIS B 342 28.63 -17.43 -1.07
N PHE B 343 27.73 -16.49 -1.31
CA PHE B 343 28.02 -15.27 -2.08
C PHE B 343 28.08 -14.13 -1.09
N ASP B 344 29.30 -13.79 -0.66
CA ASP B 344 29.50 -12.84 0.42
C ASP B 344 29.40 -11.40 -0.07
N ARG B 345 29.22 -10.49 0.89
CA ARG B 345 29.22 -9.06 0.57
C ARG B 345 30.56 -8.62 0.01
N ASN B 346 31.66 -9.28 0.40
CA ASN B 346 32.98 -8.84 -0.03
C ASN B 346 33.27 -9.10 -1.50
N GLY B 347 32.34 -9.72 -2.24
CA GLY B 347 32.50 -9.93 -3.66
C GLY B 347 33.06 -11.27 -4.07
N PHE B 348 33.28 -12.18 -3.13
CA PHE B 348 33.84 -13.49 -3.43
C PHE B 348 32.80 -14.56 -3.19
N GLY B 349 32.66 -15.47 -4.16
CA GLY B 349 31.75 -16.59 -4.02
C GLY B 349 32.47 -17.82 -3.51
N TYR B 350 32.31 -18.12 -2.23
CA TYR B 350 33.02 -19.23 -1.61
C TYR B 350 32.29 -20.55 -1.83
N THR B 351 33.04 -21.61 -2.04
CA THR B 351 32.53 -22.97 -2.09
C THR B 351 33.30 -23.80 -1.08
N LEU B 352 32.63 -24.20 -0.01
CA LEU B 352 33.28 -24.91 1.09
C LEU B 352 32.76 -26.34 1.19
N ASP B 353 33.56 -27.18 1.85
CA ASP B 353 33.12 -28.51 2.23
C ASP B 353 32.39 -28.38 3.56
N ARG B 354 31.07 -28.54 3.54
CA ARG B 354 30.26 -28.24 4.71
C ARG B 354 30.46 -29.23 5.85
N ALA B 355 31.15 -30.33 5.62
CA ALA B 355 31.50 -31.25 6.70
C ALA B 355 32.82 -30.84 7.37
N THR B 356 33.87 -30.62 6.58
CA THR B 356 35.18 -30.28 7.14
C THR B 356 35.40 -28.77 7.29
N GLY B 357 34.81 -27.97 6.42
CA GLY B 357 35.07 -26.54 6.41
C GLY B 357 36.23 -26.10 5.54
N GLU B 358 36.78 -26.99 4.73
CA GLU B 358 37.85 -26.61 3.82
C GLU B 358 37.30 -25.73 2.70
N VAL B 359 38.06 -24.68 2.36
CA VAL B 359 37.67 -23.73 1.31
C VAL B 359 38.17 -24.29 -0.02
N LEU B 360 37.23 -24.69 -0.88
CA LEU B 360 37.57 -25.30 -2.16
C LEU B 360 37.74 -24.25 -3.27
N VAL B 361 36.73 -23.41 -3.48
CA VAL B 361 36.78 -22.35 -4.49
C VAL B 361 36.50 -21.02 -3.82
N ALA B 362 37.07 -19.95 -4.38
CA ALA B 362 36.88 -18.60 -3.83
C ALA B 362 37.22 -17.60 -4.93
N GLU B 363 36.24 -17.28 -5.77
CA GLU B 363 36.42 -16.37 -6.89
C GLU B 363 35.44 -15.20 -6.78
N LYS B 364 35.71 -14.17 -7.57
CA LYS B 364 34.86 -12.98 -7.60
C LYS B 364 33.67 -13.21 -8.52
N PHE B 365 32.46 -12.92 -8.04
CA PHE B 365 31.26 -12.93 -8.87
C PHE B 365 30.86 -11.53 -9.33
N ASP B 366 31.80 -10.60 -9.35
CA ASP B 366 31.69 -9.30 -10.01
C ASP B 366 33.11 -8.87 -10.38
N PRO B 367 33.43 -8.76 -11.68
CA PRO B 367 34.83 -8.49 -12.07
C PRO B 367 35.36 -7.15 -11.59
N VAL B 368 34.51 -6.23 -11.13
CA VAL B 368 34.97 -4.93 -10.69
C VAL B 368 35.49 -4.93 -9.25
N VAL B 369 35.32 -6.03 -8.52
CA VAL B 369 35.82 -6.11 -7.15
C VAL B 369 37.32 -5.86 -7.13
N ASN B 370 37.74 -4.80 -6.44
CA ASN B 370 39.14 -4.39 -6.45
C ASN B 370 39.77 -4.31 -5.07
N TRP B 371 39.00 -4.52 -4.00
CA TRP B 371 39.56 -4.39 -2.65
C TRP B 371 40.54 -5.50 -2.31
N ALA B 372 40.50 -6.62 -3.05
CA ALA B 372 41.44 -7.71 -2.83
C ALA B 372 41.69 -8.40 -4.16
N THR B 373 42.94 -8.78 -4.41
CA THR B 373 43.27 -9.47 -5.65
C THR B 373 42.67 -10.85 -5.69
N LYS B 374 42.81 -11.61 -4.61
CA LYS B 374 42.30 -12.97 -4.56
C LYS B 374 42.28 -13.43 -3.10
N VAL B 375 41.72 -14.62 -2.89
CA VAL B 375 41.81 -15.33 -1.62
C VAL B 375 42.83 -16.44 -1.81
N ASP B 376 43.97 -16.33 -1.12
CA ASP B 376 45.08 -17.25 -1.33
C ASP B 376 44.68 -18.65 -0.88
N LEU B 377 44.54 -19.57 -1.83
CA LEU B 377 44.17 -20.94 -1.53
C LEU B 377 45.33 -21.92 -1.73
N ASP B 378 46.55 -21.40 -1.92
CA ASP B 378 47.73 -22.25 -1.93
C ASP B 378 47.92 -22.80 -0.52
N LYS B 379 47.92 -24.14 -0.39
CA LYS B 379 47.85 -24.77 0.92
C LYS B 379 49.06 -24.45 1.80
N GLY B 380 50.16 -23.99 1.21
CA GLY B 380 51.32 -23.61 2.01
C GLY B 380 51.77 -22.18 1.75
N SER B 381 50.80 -21.27 1.62
CA SER B 381 51.08 -19.90 1.22
C SER B 381 51.37 -18.96 2.39
N LYS B 382 51.14 -19.39 3.63
CA LYS B 382 51.29 -18.58 4.84
C LYS B 382 50.12 -17.62 4.99
N THR B 383 49.53 -17.23 3.86
CA THR B 383 48.32 -16.41 3.84
C THR B 383 47.11 -17.26 3.46
N TYR B 384 47.16 -18.56 3.78
CA TYR B 384 46.10 -19.48 3.39
C TYR B 384 44.78 -19.10 4.04
N GLY B 385 43.75 -18.93 3.22
CA GLY B 385 42.43 -18.58 3.70
C GLY B 385 42.19 -17.11 3.96
N ARG B 386 43.12 -16.24 3.59
CA ARG B 386 42.93 -14.82 3.82
C ARG B 386 42.92 -14.05 2.50
N PRO B 387 42.08 -13.03 2.38
CA PRO B 387 42.11 -12.19 1.17
C PRO B 387 43.30 -11.25 1.17
N LEU B 388 43.93 -11.14 0.01
CA LEU B 388 45.08 -10.25 -0.17
C LEU B 388 44.59 -8.83 -0.36
N VAL B 389 44.57 -8.06 0.72
CA VAL B 389 43.98 -6.71 0.69
C VAL B 389 44.89 -5.77 -0.09
N VAL B 390 44.31 -5.10 -1.09
CA VAL B 390 45.04 -4.09 -1.85
C VAL B 390 45.17 -2.83 -1.01
N SER B 391 46.42 -2.36 -0.84
CA SER B 391 46.67 -1.20 0.01
C SER B 391 45.98 0.05 -0.51
N LYS B 392 45.79 0.15 -1.83
CA LYS B 392 45.15 1.35 -2.39
C LYS B 392 43.70 1.47 -1.94
N TYR B 393 42.99 0.36 -1.81
CA TYR B 393 41.57 0.36 -1.50
C TYR B 393 41.29 -0.12 -0.07
N SER B 394 42.24 0.06 0.83
CA SER B 394 42.07 -0.33 2.22
C SER B 394 41.93 0.93 3.07
N THR B 395 40.84 1.01 3.82
CA THR B 395 40.58 2.19 4.62
C THR B 395 41.47 2.23 5.86
N GLU B 396 41.96 1.07 6.31
CA GLU B 396 42.85 1.02 7.46
C GLU B 396 44.24 1.55 7.11
N GLN B 397 44.74 1.21 5.91
CA GLN B 397 46.05 1.69 5.51
C GLN B 397 46.02 3.17 5.14
N ASN B 398 44.93 3.63 4.55
CA ASN B 398 44.79 5.06 4.27
C ASN B 398 44.59 5.87 5.53
N GLY B 399 44.12 5.25 6.61
CA GLY B 399 44.09 5.89 7.90
C GLY B 399 42.77 6.59 8.20
N GLU B 400 42.64 6.97 9.47
CA GLU B 400 41.46 7.69 9.91
C GLU B 400 41.43 9.09 9.30
N ASP B 401 40.21 9.60 9.07
CA ASP B 401 39.96 10.92 8.51
C ASP B 401 40.52 11.07 7.10
N VAL B 402 40.71 9.97 6.38
CA VAL B 402 41.16 9.98 4.99
C VAL B 402 40.13 9.25 4.15
N ASN B 403 39.68 9.89 3.07
CA ASN B 403 38.62 9.34 2.23
C ASN B 403 39.22 8.38 1.21
N SER B 404 38.95 7.09 1.37
CA SER B 404 39.41 6.06 0.44
C SER B 404 38.40 5.95 -0.71
N LYS B 405 38.84 6.31 -1.91
CA LYS B 405 37.96 6.42 -3.06
C LYS B 405 38.03 5.16 -3.93
N GLY B 406 36.87 4.72 -4.41
CA GLY B 406 36.80 3.71 -5.44
C GLY B 406 36.81 2.27 -4.98
N ILE B 407 36.28 1.98 -3.79
CA ILE B 407 36.27 0.61 -3.27
C ILE B 407 35.07 -0.14 -3.85
N CYS B 408 35.33 -1.30 -4.45
CA CYS B 408 34.29 -2.14 -5.00
C CYS B 408 34.38 -3.53 -4.39
N PRO B 409 33.29 -4.05 -3.80
CA PRO B 409 31.97 -3.40 -3.75
C PRO B 409 31.83 -2.36 -2.65
N ALA B 410 30.65 -1.72 -2.61
CA ALA B 410 30.33 -0.76 -1.56
C ALA B 410 30.03 -1.50 -0.25
N ALA B 411 29.67 -0.73 0.78
CA ALA B 411 29.36 -1.32 2.07
C ALA B 411 28.18 -2.29 1.98
N LEU B 412 27.24 -2.04 1.06
CA LEU B 412 26.17 -3.00 0.84
C LEU B 412 26.64 -4.23 0.08
N GLY B 413 27.90 -4.28 -0.32
CA GLY B 413 28.48 -5.46 -0.92
C GLY B 413 27.98 -5.79 -2.32
N THR B 414 28.62 -6.77 -2.95
CA THR B 414 28.17 -7.27 -4.24
C THR B 414 26.79 -7.91 -4.16
N LYS B 415 26.41 -8.40 -2.98
CA LYS B 415 25.11 -9.04 -2.78
C LYS B 415 24.75 -8.90 -1.32
N ASP B 416 23.52 -8.44 -1.04
CA ASP B 416 23.11 -8.20 0.34
C ASP B 416 22.18 -9.30 0.82
N GLN B 417 21.12 -8.91 1.54
CA GLN B 417 20.24 -9.88 2.18
C GLN B 417 19.50 -10.76 1.17
N GLN B 418 19.34 -10.31 -0.06
CA GLN B 418 18.57 -11.05 -1.06
C GLN B 418 19.18 -12.43 -1.26
N PRO B 419 18.42 -13.51 -1.05
CA PRO B 419 19.00 -14.84 -1.16
C PRO B 419 19.04 -15.34 -2.60
N ALA B 420 20.10 -16.10 -2.90
CA ALA B 420 20.27 -16.72 -4.20
C ALA B 420 19.58 -18.08 -4.22
N ALA B 421 19.41 -18.62 -5.44
CA ALA B 421 18.74 -19.89 -5.65
C ALA B 421 19.63 -20.84 -6.44
N PHE B 422 19.42 -22.14 -6.23
CA PHE B 422 20.19 -23.18 -6.88
C PHE B 422 19.24 -24.15 -7.56
N SER B 423 19.54 -24.48 -8.83
CA SER B 423 18.76 -25.46 -9.59
C SER B 423 19.57 -26.74 -9.75
N PRO B 424 19.17 -27.85 -9.14
CA PRO B 424 19.92 -29.10 -9.32
C PRO B 424 19.87 -29.63 -10.74
N LYS B 425 18.88 -29.24 -11.54
CA LYS B 425 18.83 -29.67 -12.93
C LYS B 425 19.97 -29.04 -13.73
N THR B 426 20.10 -27.71 -13.66
CA THR B 426 21.20 -27.02 -14.34
C THR B 426 22.48 -27.03 -13.52
N GLY B 427 22.41 -27.29 -12.22
CA GLY B 427 23.59 -27.22 -11.39
C GLY B 427 24.17 -25.83 -11.23
N LEU B 428 23.39 -24.80 -11.53
CA LEU B 428 23.86 -23.42 -11.49
C LEU B 428 23.26 -22.67 -10.30
N PHE B 429 23.93 -21.60 -9.91
CA PHE B 429 23.46 -20.70 -8.87
C PHE B 429 23.02 -19.40 -9.50
N TYR B 430 21.80 -18.96 -9.17
CA TYR B 430 21.21 -17.74 -9.72
C TYR B 430 21.27 -16.66 -8.65
N VAL B 431 22.12 -15.66 -8.87
CA VAL B 431 22.53 -14.71 -7.84
C VAL B 431 22.02 -13.31 -8.24
N PRO B 432 21.22 -12.66 -7.39
CA PRO B 432 20.90 -11.24 -7.63
C PRO B 432 21.99 -10.33 -7.06
N THR B 433 22.84 -9.79 -7.91
CA THR B 433 24.03 -9.08 -7.47
C THR B 433 23.83 -7.56 -7.53
N ASN B 434 24.74 -6.85 -6.87
CA ASN B 434 24.85 -5.41 -6.96
C ASN B 434 26.04 -5.02 -7.84
N HIS B 435 26.07 -3.74 -8.22
CA HIS B 435 27.14 -3.20 -9.05
C HIS B 435 27.42 -1.76 -8.61
N VAL B 436 27.77 -1.60 -7.33
CA VAL B 436 27.95 -0.29 -6.72
C VAL B 436 29.31 -0.26 -6.03
N CYS B 437 30.03 0.85 -6.21
CA CYS B 437 31.31 1.09 -5.55
C CYS B 437 31.14 2.25 -4.55
N MET B 438 32.24 2.67 -3.93
CA MET B 438 32.10 3.42 -2.70
C MET B 438 33.34 4.25 -2.40
N ASP B 439 33.13 5.47 -1.93
CA ASP B 439 34.13 6.25 -1.22
C ASP B 439 33.92 6.04 0.27
N TYR B 440 35.01 5.84 1.02
CA TYR B 440 34.94 5.41 2.41
C TYR B 440 35.91 6.25 3.23
N GLU B 441 35.41 6.91 4.26
CA GLU B 441 36.23 7.72 5.15
C GLU B 441 35.88 7.36 6.60
N PRO B 442 36.73 6.58 7.27
CA PRO B 442 36.47 6.26 8.68
C PRO B 442 36.95 7.38 9.60
N PHE B 443 36.38 7.41 10.80
CA PHE B 443 36.82 8.33 11.82
C PHE B 443 36.53 7.73 13.20
N ARG B 444 37.30 8.19 14.19
CA ARG B 444 37.20 7.65 15.54
C ARG B 444 35.89 8.09 16.19
N VAL B 445 35.22 7.15 16.84
CA VAL B 445 34.01 7.44 17.60
C VAL B 445 34.00 6.59 18.86
N THR B 446 33.44 7.14 19.92
CA THR B 446 33.28 6.42 21.18
C THR B 446 31.90 5.79 21.25
N TYR B 447 31.79 4.72 22.04
CA TYR B 447 30.59 3.90 22.11
C TYR B 447 29.71 4.38 23.26
N THR B 448 28.46 4.69 22.93
CA THR B 448 27.44 4.97 23.93
C THR B 448 26.33 3.94 23.79
N PRO B 449 25.93 3.26 24.87
CA PRO B 449 24.87 2.26 24.76
C PRO B 449 23.56 2.87 24.28
N GLY B 450 22.93 2.18 23.32
CA GLY B 450 21.70 2.67 22.72
C GLY B 450 21.89 3.64 21.57
N GLN B 451 23.10 4.13 21.36
CA GLN B 451 23.42 5.06 20.29
C GLN B 451 24.23 4.36 19.20
N PRO B 452 24.15 4.82 17.95
CA PRO B 452 24.91 4.18 16.88
C PRO B 452 26.41 4.24 17.13
N TYR B 453 27.11 3.19 16.69
CA TYR B 453 28.55 3.04 16.91
C TYR B 453 29.19 2.66 15.57
N VAL B 454 29.23 3.62 14.66
CA VAL B 454 29.70 3.36 13.29
C VAL B 454 31.07 3.98 13.08
N GLY B 455 31.12 5.27 12.78
CA GLY B 455 32.38 5.96 12.59
C GLY B 455 32.90 5.96 11.16
N ALA B 456 32.03 6.26 10.20
CA ALA B 456 32.44 6.30 8.80
C ALA B 456 31.43 7.11 8.00
N THR B 457 31.91 7.89 7.04
CA THR B 457 31.07 8.62 6.10
C THR B 457 31.41 8.16 4.70
N LEU B 458 30.43 7.57 4.02
CA LEU B 458 30.69 6.97 2.71
C LEU B 458 29.79 7.56 1.64
N SER B 459 30.17 7.28 0.39
CA SER B 459 29.48 7.76 -0.81
C SER B 459 29.38 6.60 -1.79
N MET B 460 28.16 6.27 -2.21
CA MET B 460 27.95 5.19 -3.17
C MET B 460 27.61 5.75 -4.54
N TYR B 461 27.90 4.94 -5.56
CA TYR B 461 27.71 5.32 -6.96
C TYR B 461 27.91 4.07 -7.82
N PRO B 462 27.40 4.06 -9.05
CA PRO B 462 27.49 2.84 -9.87
C PRO B 462 28.93 2.41 -10.09
N ALA B 463 29.10 1.10 -10.31
CA ALA B 463 30.41 0.53 -10.56
C ALA B 463 30.97 1.08 -11.88
N PRO B 464 32.30 1.22 -11.97
CA PRO B 464 32.90 1.83 -13.17
C PRO B 464 32.55 1.10 -14.46
N GLY B 465 32.24 -0.18 -14.38
CA GLY B 465 31.86 -0.94 -15.54
C GLY B 465 30.42 -0.66 -15.94
N SER B 466 29.85 -1.62 -16.66
CA SER B 466 28.41 -1.65 -17.01
C SER B 466 28.11 -0.44 -17.91
N HIS B 467 26.97 0.22 -17.71
CA HIS B 467 26.54 1.35 -18.52
C HIS B 467 25.97 2.45 -17.63
N GLY B 468 26.28 2.42 -16.34
CA GLY B 468 25.63 3.23 -15.35
C GLY B 468 24.62 2.48 -14.51
N GLY B 469 24.33 1.22 -14.86
CA GLY B 469 23.43 0.42 -14.06
C GLY B 469 24.08 -0.07 -12.78
N MET B 470 23.25 -0.34 -11.77
CA MET B 470 23.72 -0.70 -10.44
C MET B 470 23.36 -2.13 -10.05
N GLY B 471 23.02 -2.99 -11.00
CA GLY B 471 22.64 -4.35 -10.66
C GLY B 471 22.91 -5.34 -11.78
N ASN B 472 22.95 -6.61 -11.39
CA ASN B 472 23.10 -7.73 -12.31
C ASN B 472 22.42 -8.95 -11.70
N PHE B 473 21.78 -9.74 -12.55
CA PHE B 473 21.29 -11.07 -12.17
C PHE B 473 22.06 -12.10 -12.97
N ILE B 474 22.96 -12.80 -12.30
CA ILE B 474 23.94 -13.64 -12.96
C ILE B 474 23.70 -15.11 -12.62
N ALA B 475 24.37 -15.99 -13.38
CA ALA B 475 24.38 -17.42 -13.12
C ALA B 475 25.82 -17.84 -12.80
N TRP B 476 25.97 -18.66 -11.77
CA TRP B 476 27.27 -18.97 -11.20
C TRP B 476 27.53 -20.47 -11.22
N ASP B 477 28.75 -20.85 -11.57
CA ASP B 477 29.20 -22.24 -11.51
C ASP B 477 30.17 -22.35 -10.34
N ASN B 478 29.70 -22.93 -9.24
CA ASN B 478 30.47 -22.98 -8.00
C ASN B 478 31.61 -23.99 -8.05
N LEU B 479 31.68 -24.84 -9.07
CA LEU B 479 32.71 -25.87 -9.11
C LEU B 479 34.00 -25.38 -9.79
N GLN B 480 33.89 -24.40 -10.68
CA GLN B 480 35.07 -23.73 -11.22
C GLN B 480 35.11 -22.24 -10.91
N GLY B 481 34.01 -21.67 -10.40
CA GLY B 481 34.03 -20.31 -9.92
C GLY B 481 33.93 -19.24 -10.99
N LYS B 482 33.06 -19.42 -11.97
CA LYS B 482 32.93 -18.49 -13.09
C LYS B 482 31.46 -18.12 -13.29
N ILE B 483 31.24 -16.95 -13.88
CA ILE B 483 29.90 -16.47 -14.19
C ILE B 483 29.50 -16.97 -15.58
N LYS B 484 28.45 -17.79 -15.65
CA LYS B 484 28.04 -18.35 -16.93
C LYS B 484 27.32 -17.33 -17.80
N TRP B 485 26.39 -16.58 -17.23
CA TRP B 485 25.74 -15.50 -17.96
C TRP B 485 25.30 -14.42 -16.98
N SER B 486 25.20 -13.20 -17.50
CA SER B 486 24.87 -12.04 -16.69
C SER B 486 23.78 -11.22 -17.37
N ASN B 487 22.72 -10.91 -16.63
CA ASN B 487 21.69 -10.02 -17.11
C ASN B 487 21.79 -8.70 -16.37
N PRO B 488 21.87 -7.58 -17.08
CA PRO B 488 22.00 -6.28 -16.40
C PRO B 488 20.67 -5.77 -15.87
N GLU B 489 20.76 -4.94 -14.85
CA GLU B 489 19.60 -4.26 -14.26
C GLU B 489 19.98 -2.83 -13.93
N GLN B 490 19.03 -1.91 -14.11
CA GLN B 490 19.33 -0.49 -13.88
C GLN B 490 19.64 -0.23 -12.41
N PHE B 491 18.82 -0.75 -11.51
CA PHE B 491 19.09 -0.67 -10.09
C PHE B 491 19.55 -2.03 -9.58
N SER B 492 19.96 -2.07 -8.32
CA SER B 492 20.48 -3.30 -7.75
C SER B 492 19.38 -4.35 -7.68
N ALA B 493 19.80 -5.61 -7.61
CA ALA B 493 18.88 -6.75 -7.56
C ALA B 493 18.75 -7.13 -6.09
N TRP B 494 17.84 -6.47 -5.39
CA TRP B 494 17.66 -6.63 -3.96
C TRP B 494 16.58 -7.65 -3.61
N GLY B 495 16.02 -8.33 -4.60
CA GLY B 495 14.94 -9.28 -4.39
C GLY B 495 15.43 -10.72 -4.44
N GLY B 496 14.89 -11.54 -3.52
CA GLY B 496 15.28 -12.93 -3.50
C GLY B 496 14.74 -13.70 -4.69
N ALA B 497 15.54 -14.68 -5.14
CA ALA B 497 15.24 -15.46 -6.33
C ALA B 497 14.59 -16.79 -5.96
N LEU B 498 13.93 -17.39 -6.95
CA LEU B 498 13.29 -18.69 -6.80
C LEU B 498 13.45 -19.47 -8.10
N ALA B 499 14.05 -20.66 -8.01
CA ALA B 499 14.20 -21.55 -9.16
C ALA B 499 13.21 -22.70 -9.05
N THR B 500 12.65 -23.12 -10.19
CA THR B 500 11.69 -24.21 -10.21
C THR B 500 12.13 -25.27 -11.20
N ALA B 501 11.43 -26.41 -11.15
CA ALA B 501 11.67 -27.52 -12.06
C ALA B 501 11.16 -27.25 -13.47
N GLY B 502 10.44 -26.15 -13.68
CA GLY B 502 10.03 -25.77 -15.02
C GLY B 502 11.08 -24.99 -15.76
N ASP B 503 12.32 -25.00 -15.25
CA ASP B 503 13.45 -24.34 -15.88
C ASP B 503 13.23 -22.84 -16.00
N VAL B 504 12.71 -22.25 -14.93
CA VAL B 504 12.48 -20.82 -14.82
C VAL B 504 13.12 -20.35 -13.53
N VAL B 505 13.55 -19.09 -13.52
CA VAL B 505 14.03 -18.44 -12.31
C VAL B 505 13.31 -17.10 -12.17
N PHE B 506 12.72 -16.86 -11.01
CA PHE B 506 11.98 -15.64 -10.72
C PHE B 506 12.78 -14.71 -9.81
N TYR B 507 12.71 -13.40 -10.09
CA TYR B 507 13.30 -12.40 -9.21
C TYR B 507 12.65 -11.06 -9.48
N GLY B 508 12.68 -10.19 -8.48
CA GLY B 508 12.02 -8.89 -8.54
C GLY B 508 13.04 -7.75 -8.54
N THR B 509 12.77 -6.75 -9.36
CA THR B 509 13.64 -5.58 -9.47
C THR B 509 13.16 -4.46 -8.54
N LEU B 510 14.06 -3.51 -8.29
CA LEU B 510 13.75 -2.38 -7.41
C LEU B 510 12.75 -1.41 -8.01
N GLU B 511 12.56 -1.42 -9.33
CA GLU B 511 11.51 -0.63 -9.96
C GLU B 511 10.20 -1.38 -10.02
N GLY B 512 10.12 -2.54 -9.38
CA GLY B 512 8.87 -3.23 -9.20
C GLY B 512 8.51 -4.28 -10.25
N PHE B 513 9.48 -4.77 -11.01
CA PHE B 513 9.18 -5.75 -12.05
C PHE B 513 9.46 -7.16 -11.55
N LEU B 514 8.49 -8.05 -11.74
CA LEU B 514 8.67 -9.48 -11.49
C LEU B 514 9.06 -10.15 -12.80
N LYS B 515 10.32 -10.57 -12.91
CA LYS B 515 10.85 -11.17 -14.12
C LYS B 515 10.98 -12.67 -13.97
N ALA B 516 10.87 -13.37 -15.10
CA ALA B 516 11.15 -14.79 -15.17
C ALA B 516 12.19 -15.02 -16.27
N VAL B 517 13.29 -15.66 -15.92
CA VAL B 517 14.39 -15.89 -16.85
C VAL B 517 14.58 -17.39 -17.05
N ASP B 518 15.12 -17.74 -18.21
CA ASP B 518 15.38 -19.14 -18.53
C ASP B 518 16.53 -19.67 -17.68
N SER B 519 16.39 -20.89 -17.19
CA SER B 519 17.36 -21.45 -16.26
C SER B 519 18.73 -21.63 -16.90
N LYS B 520 18.77 -21.98 -18.19
CA LYS B 520 20.03 -22.23 -18.87
C LYS B 520 20.54 -21.01 -19.63
N THR B 521 19.72 -20.41 -20.48
CA THR B 521 20.16 -19.29 -21.30
C THR B 521 20.19 -17.99 -20.50
N GLY B 522 19.15 -17.72 -19.72
CA GLY B 522 19.00 -16.44 -19.05
C GLY B 522 18.11 -15.44 -19.76
N LYS B 523 17.34 -15.87 -20.75
CA LYS B 523 16.48 -14.96 -21.50
C LYS B 523 15.25 -14.60 -20.67
N GLU B 524 14.91 -13.32 -20.67
CA GLU B 524 13.69 -12.86 -20.00
C GLU B 524 12.47 -13.49 -20.67
N LEU B 525 11.66 -14.18 -19.86
CA LEU B 525 10.46 -14.82 -20.36
C LEU B 525 9.17 -14.14 -19.89
N TYR B 526 9.21 -13.41 -18.79
CA TYR B 526 8.03 -12.75 -18.25
C TYR B 526 8.46 -11.47 -17.54
N LYS B 527 7.56 -10.49 -17.52
CA LYS B 527 7.85 -9.21 -16.88
C LYS B 527 6.53 -8.52 -16.56
N PHE B 528 6.30 -8.23 -15.28
CA PHE B 528 5.08 -7.59 -14.84
C PHE B 528 5.42 -6.53 -13.80
N LYS B 529 4.69 -5.41 -13.83
CA LYS B 529 4.96 -4.29 -12.94
C LYS B 529 4.14 -4.43 -11.66
N THR B 530 4.80 -4.81 -10.57
CA THR B 530 4.18 -4.81 -9.26
C THR B 530 4.07 -3.36 -8.75
N PRO B 531 3.20 -3.12 -7.76
CA PRO B 531 2.95 -1.72 -7.37
C PRO B 531 4.15 -1.00 -6.80
N SER B 532 5.10 -1.72 -6.20
CA SER B 532 6.26 -1.11 -5.58
C SER B 532 7.49 -1.97 -5.82
N GLY B 533 8.65 -1.42 -5.47
CA GLY B 533 9.89 -2.16 -5.61
C GLY B 533 9.89 -3.41 -4.76
N ILE B 534 10.55 -4.45 -5.27
CA ILE B 534 10.54 -5.77 -4.66
C ILE B 534 11.88 -5.97 -3.96
N ILE B 535 11.86 -6.06 -2.64
CA ILE B 535 13.01 -6.46 -1.85
C ILE B 535 12.79 -7.79 -1.16
N GLY B 536 11.60 -8.39 -1.30
CA GLY B 536 11.32 -9.69 -0.76
C GLY B 536 11.67 -10.81 -1.74
N ASN B 537 11.51 -12.04 -1.26
CA ASN B 537 11.81 -13.22 -2.05
C ASN B 537 10.54 -13.75 -2.72
N VAL B 538 10.70 -14.28 -3.93
CA VAL B 538 9.59 -14.90 -4.64
C VAL B 538 9.38 -16.31 -4.10
N MET B 539 8.12 -16.71 -3.96
CA MET B 539 7.78 -18.03 -3.45
C MET B 539 6.73 -18.65 -4.36
N THR B 540 6.57 -19.97 -4.24
CA THR B 540 5.56 -20.67 -5.01
C THR B 540 4.86 -21.70 -4.12
N TYR B 541 3.62 -22.00 -4.47
CA TYR B 541 2.82 -22.99 -3.75
C TYR B 541 1.76 -23.52 -4.71
N GLU B 542 0.96 -24.46 -4.22
CA GLU B 542 -0.10 -25.05 -5.03
C GLU B 542 -1.38 -25.14 -4.20
N HIS B 543 -2.47 -24.58 -4.72
CA HIS B 543 -3.76 -24.62 -4.05
C HIS B 543 -4.82 -25.11 -5.02
N LYS B 544 -5.59 -26.11 -4.60
CA LYS B 544 -6.64 -26.71 -5.42
C LYS B 544 -6.12 -27.15 -6.78
N GLY B 545 -4.90 -27.68 -6.80
CA GLY B 545 -4.32 -28.25 -7.98
C GLY B 545 -3.60 -27.28 -8.89
N LYS B 546 -3.70 -25.98 -8.64
CA LYS B 546 -3.10 -24.96 -9.49
C LYS B 546 -1.88 -24.36 -8.78
N GLN B 547 -0.76 -24.28 -9.49
CA GLN B 547 0.44 -23.68 -8.94
C GLN B 547 0.33 -22.16 -8.99
N HIS B 548 0.68 -21.51 -7.89
CA HIS B 548 0.74 -20.05 -7.82
C HIS B 548 2.15 -19.63 -7.43
N VAL B 549 2.52 -18.41 -7.84
CA VAL B 549 3.77 -17.80 -7.45
C VAL B 549 3.46 -16.42 -6.88
N ALA B 550 3.98 -16.14 -5.69
CA ALA B 550 3.66 -14.92 -4.98
C ALA B 550 4.94 -14.16 -4.61
N VAL B 551 4.78 -12.85 -4.43
CA VAL B 551 5.91 -11.98 -4.10
C VAL B 551 5.35 -10.75 -3.39
N LEU B 552 6.11 -10.26 -2.42
CA LEU B 552 5.72 -9.07 -1.66
C LEU B 552 6.35 -7.83 -2.28
N SER B 553 5.54 -6.80 -2.49
CA SER B 553 6.02 -5.53 -3.00
C SER B 553 6.06 -4.49 -1.90
N GLY B 554 7.02 -3.58 -2.00
CA GLY B 554 7.23 -2.56 -0.99
C GLY B 554 8.70 -2.24 -0.85
N VAL B 555 9.16 -1.21 -1.56
CA VAL B 555 10.58 -0.90 -1.59
C VAL B 555 11.05 -0.47 -0.22
N GLY B 556 12.26 -0.90 0.16
CA GLY B 556 12.80 -0.57 1.46
C GLY B 556 14.19 -1.15 1.69
N GLY B 557 14.45 -1.60 2.92
CA GLY B 557 15.77 -2.07 3.24
C GLY B 557 16.77 -0.94 3.14
N TRP B 558 18.01 -1.28 2.80
CA TRP B 558 19.03 -0.26 2.61
C TRP B 558 18.96 0.39 1.24
N ALA B 559 18.57 -0.38 0.21
CA ALA B 559 18.52 0.15 -1.15
C ALA B 559 17.45 1.24 -1.28
N GLY B 560 16.31 1.06 -0.63
CA GLY B 560 15.25 2.04 -0.69
C GLY B 560 15.09 2.84 0.58
N ILE B 561 16.18 2.99 1.33
CA ILE B 561 16.12 3.73 2.58
C ILE B 561 15.78 5.20 2.35
N GLY B 562 16.17 5.75 1.19
CA GLY B 562 15.83 7.13 0.89
C GLY B 562 14.32 7.34 0.81
N LEU B 563 13.60 6.36 0.29
CA LEU B 563 12.14 6.45 0.22
C LEU B 563 11.50 6.05 1.55
N ALA B 564 12.06 5.05 2.23
CA ALA B 564 11.45 4.54 3.45
C ALA B 564 11.62 5.51 4.61
N ALA B 565 12.81 6.07 4.77
CA ALA B 565 13.10 7.01 5.84
C ALA B 565 12.82 8.47 5.45
N GLY B 566 12.59 8.74 4.17
CA GLY B 566 12.34 10.10 3.74
C GLY B 566 13.57 10.97 3.66
N LEU B 567 14.76 10.37 3.61
CA LEU B 567 16.00 11.15 3.57
C LEU B 567 16.14 11.85 2.23
N THR B 568 16.63 13.09 2.27
CA THR B 568 16.87 13.87 1.07
C THR B 568 18.33 14.18 0.81
N ASP B 569 19.19 14.07 1.83
CA ASP B 569 20.61 14.34 1.62
C ASP B 569 21.25 13.21 0.82
N PRO B 570 22.23 13.54 -0.03
CA PRO B 570 22.88 12.48 -0.83
C PRO B 570 23.87 11.64 -0.06
N ASN B 571 24.33 12.10 1.11
CA ASN B 571 25.23 11.33 1.95
C ASN B 571 24.57 10.73 3.18
N ALA B 572 23.31 11.10 3.46
CA ALA B 572 22.57 10.49 4.55
C ALA B 572 22.26 9.02 4.24
N GLY B 573 21.82 8.30 5.26
CA GLY B 573 21.63 6.87 5.11
C GLY B 573 22.91 6.12 4.82
N LEU B 574 24.06 6.70 5.18
CA LEU B 574 25.37 6.11 4.92
C LEU B 574 25.59 5.86 3.42
N GLY B 575 25.26 6.87 2.62
CA GLY B 575 25.55 6.86 1.20
C GLY B 575 24.50 6.24 0.31
N ALA B 576 23.66 5.34 0.85
CA ALA B 576 22.69 4.65 0.01
C ALA B 576 21.46 5.49 -0.31
N VAL B 577 21.27 6.63 0.36
CA VAL B 577 20.15 7.50 0.04
C VAL B 577 20.41 8.21 -1.28
N GLY B 578 21.59 8.81 -1.43
CA GLY B 578 21.96 9.46 -2.67
C GLY B 578 22.44 8.54 -3.77
N GLY B 579 22.77 7.29 -3.42
CA GLY B 579 23.16 6.34 -4.45
C GLY B 579 21.99 5.85 -5.28
N TYR B 580 20.79 5.85 -4.71
CA TYR B 580 19.59 5.44 -5.43
C TYR B 580 18.63 6.62 -5.55
N ALA B 581 19.12 7.74 -6.07
CA ALA B 581 18.28 8.93 -6.19
C ALA B 581 17.21 8.76 -7.26
N ALA B 582 17.57 8.15 -8.40
CA ALA B 582 16.61 7.97 -9.48
C ALA B 582 15.56 6.91 -9.17
N LEU B 583 15.70 6.19 -8.05
CA LEU B 583 14.72 5.18 -7.69
C LEU B 583 13.36 5.79 -7.38
N SER B 584 13.33 7.05 -6.92
CA SER B 584 12.07 7.66 -6.49
C SER B 584 11.12 7.89 -7.64
N SER B 585 11.63 7.98 -8.88
CA SER B 585 10.81 8.18 -10.06
C SER B 585 10.38 6.86 -10.71
N TYR B 586 10.46 5.76 -9.98
CA TYR B 586 10.01 4.47 -10.51
C TYR B 586 9.09 3.78 -9.52
N THR B 587 9.24 4.09 -8.24
CA THR B 587 8.45 3.42 -7.20
C THR B 587 8.37 4.31 -5.98
N ASN B 588 7.29 4.16 -5.23
CA ASN B 588 7.16 4.74 -3.90
C ASN B 588 7.02 3.61 -2.88
N LEU B 589 6.75 3.98 -1.64
CA LEU B 589 6.53 2.98 -0.60
C LEU B 589 5.27 2.17 -0.91
N GLY B 590 5.22 0.96 -0.37
CA GLY B 590 4.09 0.09 -0.64
C GLY B 590 4.01 -1.02 0.38
N GLY B 591 2.94 -1.80 0.26
CA GLY B 591 2.72 -2.93 1.13
C GLY B 591 1.66 -3.87 0.58
N GLN B 592 1.97 -4.51 -0.54
CA GLN B 592 1.03 -5.37 -1.24
C GLN B 592 1.69 -6.70 -1.54
N LEU B 593 0.88 -7.75 -1.54
CA LEU B 593 1.30 -9.08 -1.97
C LEU B 593 0.58 -9.41 -3.26
N THR B 594 1.34 -9.79 -4.30
CA THR B 594 0.78 -10.14 -5.59
C THR B 594 0.98 -11.62 -5.84
N VAL B 595 -0.09 -12.29 -6.27
CA VAL B 595 -0.07 -13.73 -6.53
C VAL B 595 -0.37 -13.94 -8.01
N PHE B 596 0.44 -14.79 -8.66
CA PHE B 596 0.32 -15.06 -10.08
C PHE B 596 -0.01 -16.53 -10.29
N SER B 597 -0.70 -16.82 -11.39
CA SER B 597 -0.98 -18.19 -11.79
C SER B 597 -1.26 -18.20 -13.29
N LEU B 598 -1.73 -19.33 -13.80
CA LEU B 598 -2.01 -19.41 -15.22
C LEU B 598 -3.51 -19.58 -15.46
N PRO B 599 -4.02 -19.10 -16.60
CA PRO B 599 -5.44 -19.30 -16.91
C PRO B 599 -5.75 -20.77 -17.17
N ASN B 600 -6.80 -21.27 -16.54
CA ASN B 600 -7.17 -22.68 -16.67
C ASN B 600 -7.82 -22.95 -18.03
LA LA C . -22.43 15.81 6.75
N1 PQQ D . -17.33 11.76 3.44
C2 PQQ D . -17.57 10.41 3.37
C2X PQQ D . -16.59 9.42 2.74
O2A PQQ D . -15.41 9.77 2.51
O2B PQQ D . -16.96 8.25 2.46
C3 PQQ D . -18.82 10.15 3.92
C3A PQQ D . -19.34 11.33 4.35
C1A PQQ D . -18.41 12.33 4.04
C4 PQQ D . -20.64 11.69 5.02
O4 PQQ D . -21.42 10.84 5.28
C5 PQQ D . -20.92 13.05 5.35
O5 PQQ D . -21.95 13.30 5.88
C6A PQQ D . -19.92 14.12 5.04
N6 PQQ D . -20.17 15.43 5.34
C7 PQQ D . -19.26 16.40 5.03
C7X PQQ D . -19.85 17.73 5.50
O7A PQQ D . -19.07 18.68 5.77
O7B PQQ D . -21.08 17.88 5.63
C8 PQQ D . -18.05 16.06 4.41
C9 PQQ D . -17.81 14.76 4.10
C9X PQQ D . -16.43 14.93 3.46
O9A PQQ D . -15.82 13.90 3.04
O9B PQQ D . -15.91 16.07 3.34
C9A PQQ D . -18.71 13.78 4.39
LA LA E . 26.38 -4.31 9.26
N1 PQQ F . 19.67 -4.92 6.27
C2 PQQ F . 19.55 -4.66 4.93
C2X PQQ F . 18.21 -4.73 4.19
O2A PQQ F . 18.16 -4.44 2.96
O2B PQQ F . 17.18 -5.06 4.81
C3 PQQ F . 20.82 -4.33 4.43
C3A PQQ F . 21.69 -4.41 5.46
C1A PQQ F . 20.98 -4.78 6.61
C4 PQQ F . 23.18 -4.17 5.57
O4 PQQ F . 23.79 -3.86 4.60
C5 PQQ F . 23.85 -4.32 6.82
O5 PQQ F . 25.02 -4.14 6.90
C6A PQQ F . 23.07 -4.71 8.04
N6 PQQ F . 23.69 -4.88 9.25
C7 PQQ F . 22.96 -5.24 10.35
C7X PQQ F . 23.94 -5.32 11.53
O7A PQQ F . 25.15 -5.61 11.34
O7B PQQ F . 23.53 -5.10 12.70
C8 PQQ F . 21.59 -5.45 10.24
C9 PQQ F . 20.96 -5.30 9.04
C9X PQQ F . 19.53 -5.63 9.46
O9A PQQ F . 19.26 -5.84 10.67
O9B PQQ F . 18.63 -5.69 8.58
C9A PQQ F . 21.68 -4.93 7.94
#